data_1BZB
#
_entry.id   1BZB
#
_cell.length_a   1.000
_cell.length_b   1.000
_cell.length_c   1.000
_cell.angle_alpha   90.00
_cell.angle_beta   90.00
_cell.angle_gamma   90.00
#
_symmetry.space_group_name_H-M   'P 1'
#
loop_
_entity.id
_entity.type
_entity.pdbx_description
1 polymer 'PROTEIN (CALCITONIN)'
2 branched alpha-D-mannopyranose-(1-2)-alpha-D-mannopyranose-(1-3)-[alpha-D-mannopyranose-(1-3)-[alpha-D-mannopyranose-(1-6)]alpha-D-mannopyranose-(1-6)]alpha-D-mannopyranose-(1-4)-2-acetamido-2-deoxy-beta-D-glucopyranose-(1-4)-2-acetamido-2-deoxy-beta-D-glucopyranose
#
_entity_poly.entity_id   1
_entity_poly.type   'polypeptide(L)'
_entity_poly.pdbx_seq_one_letter_code
;CSNLSTCVLGKLSQELHKLQTYPRTDVGAGTP(NH2)
;
_entity_poly.pdbx_strand_id   A
#
loop_
_chem_comp.id
_chem_comp.type
_chem_comp.name
_chem_comp.formula
MAN D-saccharide, alpha linking alpha-D-mannopyranose 'C6 H12 O6'
NAG D-saccharide, beta linking 2-acetamido-2-deoxy-beta-D-glucopyranose 'C8 H15 N O6'
NH2 non-polymer 'AMINO GROUP' 'H2 N'
#
# COMPACT_ATOMS: atom_id res chain seq x y z
N CYS A 1 5.48 -15.81 -0.02
CA CYS A 1 4.63 -15.82 -1.22
C CYS A 1 5.28 -16.61 -2.37
N SER A 2 4.67 -17.75 -2.70
CA SER A 2 5.00 -18.53 -3.88
C SER A 2 4.57 -17.80 -5.16
N ASN A 3 3.45 -17.06 -5.08
CA ASN A 3 2.87 -16.30 -6.18
C ASN A 3 3.87 -15.32 -6.79
N LEU A 4 4.19 -14.25 -6.03
CA LEU A 4 4.88 -13.07 -6.53
C LEU A 4 4.15 -12.52 -7.77
N SER A 5 2.81 -12.51 -7.71
CA SER A 5 1.93 -12.15 -8.81
C SER A 5 0.59 -11.74 -8.20
N THR A 6 -0.18 -12.72 -7.71
CA THR A 6 -1.36 -12.49 -6.90
C THR A 6 -0.96 -11.74 -5.63
N CYS A 7 0.10 -12.21 -4.97
CA CYS A 7 0.64 -11.63 -3.75
C CYS A 7 1.19 -10.22 -3.99
N VAL A 8 2.07 -10.04 -4.99
CA VAL A 8 2.72 -8.75 -5.21
C VAL A 8 1.70 -7.66 -5.56
N LEU A 9 0.72 -7.97 -6.41
CA LEU A 9 -0.38 -7.06 -6.71
C LEU A 9 -1.20 -6.74 -5.45
N GLY A 10 -1.40 -7.73 -4.57
CA GLY A 10 -2.06 -7.55 -3.28
C GLY A 10 -1.34 -6.52 -2.41
N LYS A 11 0.00 -6.64 -2.31
CA LYS A 11 0.84 -5.77 -1.49
C LYS A 11 0.90 -4.35 -2.07
N LEU A 12 0.97 -4.22 -3.41
CA LEU A 12 0.92 -2.94 -4.10
C LEU A 12 -0.43 -2.25 -3.87
N SER A 13 -1.52 -3.01 -3.95
CA SER A 13 -2.86 -2.51 -3.71
C SER A 13 -3.01 -2.03 -2.26
N GLN A 14 -2.49 -2.79 -1.29
CA GLN A 14 -2.52 -2.45 0.12
C GLN A 14 -1.73 -1.17 0.40
N GLU A 15 -0.52 -1.06 -0.19
CA GLU A 15 0.32 0.12 -0.12
C GLU A 15 -0.46 1.36 -0.59
N LEU A 16 -1.10 1.27 -1.76
CA LEU A 16 -1.90 2.35 -2.33
C LEU A 16 -3.05 2.73 -1.40
N HIS A 17 -3.76 1.76 -0.81
CA HIS A 17 -4.86 2.02 0.12
C HIS A 17 -4.37 2.90 1.27
N LYS A 18 -3.28 2.49 1.93
CA LYS A 18 -2.73 3.14 3.10
C LYS A 18 -2.35 4.60 2.82
N LEU A 19 -1.50 4.84 1.81
CA LEU A 19 -1.00 6.18 1.49
C LEU A 19 -2.10 7.12 0.98
N GLN A 20 -3.19 6.60 0.42
CA GLN A 20 -4.33 7.39 -0.01
C GLN A 20 -5.20 7.77 1.18
N THR A 21 -5.56 6.80 2.02
CA THR A 21 -6.41 6.99 3.19
C THR A 21 -5.80 8.02 4.14
N TYR A 22 -4.52 7.84 4.49
CA TYR A 22 -3.75 8.75 5.31
C TYR A 22 -2.45 9.11 4.56
N PRO A 23 -2.00 10.37 4.60
CA PRO A 23 -0.74 10.82 4.03
C PRO A 23 0.44 9.90 4.38
N ARG A 24 0.72 9.75 5.68
CA ARG A 24 1.80 8.93 6.19
C ARG A 24 1.54 8.62 7.67
N THR A 25 1.07 7.39 7.95
CA THR A 25 0.81 6.88 9.28
C THR A 25 1.06 5.37 9.24
N ASP A 26 2.33 5.00 9.06
CA ASP A 26 2.80 3.63 8.91
C ASP A 26 2.23 3.01 7.62
N VAL A 27 2.69 3.52 6.47
CA VAL A 27 2.40 2.94 5.16
C VAL A 27 3.15 1.61 5.06
N GLY A 28 2.52 0.61 4.43
CA GLY A 28 3.06 -0.73 4.29
C GLY A 28 4.30 -0.72 3.41
N ALA A 29 4.10 -0.64 2.09
CA ALA A 29 5.14 -0.58 1.08
C ALA A 29 6.17 -1.70 1.20
N GLY A 30 5.70 -2.92 1.49
CA GLY A 30 6.53 -4.12 1.54
C GLY A 30 6.60 -4.74 0.15
N THR A 31 7.06 -3.96 -0.83
CA THR A 31 7.00 -4.28 -2.25
C THR A 31 8.39 -4.11 -2.87
N PRO A 32 9.32 -5.06 -2.62
CA PRO A 32 10.68 -5.01 -3.14
C PRO A 32 10.70 -5.26 -4.65
N NH2 A 33 9.95 -6.26 -5.13
HN1 NH2 A 33 9.93 -6.45 -6.11
HN2 NH2 A 33 9.39 -6.81 -4.49
C1 NAG B . -1.46 -17.61 -6.39
C2 NAG B . -1.79 -18.23 -7.76
C3 NAG B . -3.10 -19.00 -7.69
C4 NAG B . -3.06 -20.03 -6.56
C5 NAG B . -2.71 -19.32 -5.25
C6 NAG B . -2.59 -20.29 -4.05
C7 NAG B . -0.82 -16.84 -9.55
C8 NAG B . -1.10 -15.81 -10.66
N2 NAG B . -1.86 -17.20 -8.80
O3 NAG B . -3.35 -19.64 -8.93
O4 NAG B . -4.33 -20.70 -6.47
O5 NAG B . -1.46 -18.63 -5.40
O6 NAG B . -3.87 -20.70 -3.63
O7 NAG B . 0.32 -17.29 -9.40
H1 NAG B . -2.24 -16.87 -6.13
H2 NAG B . -0.99 -18.93 -8.00
H3 NAG B . -3.91 -18.29 -7.48
H4 NAG B . -2.26 -20.75 -6.79
H5 NAG B . -3.47 -18.56 -5.01
H61 NAG B . -2.11 -19.76 -3.23
H62 NAG B . -1.98 -21.14 -4.34
H81 NAG B . -1.31 -14.84 -10.21
H82 NAG B . -0.23 -15.73 -11.30
H83 NAG B . -1.96 -16.13 -11.24
HN2 NAG B . -2.76 -16.79 -8.97
HO3 NAG B . -4.18 -20.15 -8.86
HO6 NAG B . -3.77 -21.32 -2.91
C1 NAG B . -4.35 -22.08 -6.68
C2 NAG B . -5.78 -22.62 -6.58
C3 NAG B . -5.83 -24.11 -6.96
C4 NAG B . -5.19 -24.31 -8.33
C5 NAG B . -3.79 -23.71 -8.33
C6 NAG B . -3.06 -23.86 -9.67
C7 NAG B . -5.88 -22.94 -4.10
C8 NAG B . -6.64 -22.58 -2.83
N2 NAG B . -6.34 -22.40 -5.24
O3 NAG B . -7.17 -24.57 -6.95
O4 NAG B . -5.13 -25.72 -8.63
O5 NAG B . -3.85 -22.31 -8.00
O6 NAG B . -3.80 -23.26 -10.72
O7 NAG B . -4.89 -23.67 -4.03
H1 NAG B . -3.68 -22.58 -5.98
H2 NAG B . -6.40 -22.08 -7.29
H3 NAG B . -5.25 -24.69 -6.23
H4 NAG B . -5.80 -23.78 -9.07
H5 NAG B . -3.18 -24.20 -7.56
H61 NAG B . -2.92 -24.92 -9.89
H62 NAG B . -2.09 -23.37 -9.61
H81 NAG B . -6.17 -23.04 -1.96
H82 NAG B . -6.66 -21.49 -2.71
H83 NAG B . -7.67 -22.94 -2.91
HN2 NAG B . -7.15 -21.81 -5.19
HO3 NAG B . -7.67 -24.06 -7.62
HO6 NAG B . -3.92 -22.33 -10.51
C1 MAN B . -6.13 -26.27 -9.44
C2 MAN B . -5.98 -25.85 -10.90
C3 MAN B . -7.05 -26.55 -11.74
C4 MAN B . -7.03 -28.08 -11.51
C5 MAN B . -7.10 -28.38 -10.01
C6 MAN B . -6.99 -29.89 -9.68
O2 MAN B . -4.68 -26.19 -11.36
O3 MAN B . -6.90 -26.17 -13.13
O4 MAN B . -8.12 -28.67 -12.18
O5 MAN B . -6.05 -27.69 -9.31
O6 MAN B . -8.05 -30.67 -10.24
H1 MAN B . -7.13 -25.95 -9.08
H2 MAN B . -6.12 -24.77 -10.98
H3 MAN B . -8.02 -26.19 -11.39
H4 MAN B . -6.08 -28.49 -11.89
H5 MAN B . -8.04 -27.98 -9.62
H61 MAN B . -6.96 -30.02 -8.60
H62 MAN B . -6.04 -30.23 -10.10
HO2 MAN B . -4.57 -25.85 -12.26
HO4 MAN B . -8.95 -28.34 -11.80
C1 MAN B . -6.06 -26.93 -13.98
C2 MAN B . -5.55 -26.04 -15.12
C3 MAN B . -6.71 -25.63 -16.02
C4 MAN B . -7.43 -26.87 -16.54
C5 MAN B . -7.85 -27.77 -15.37
C6 MAN B . -8.50 -29.08 -15.83
O2 MAN B . -4.55 -26.75 -15.89
O3 MAN B . -6.23 -24.86 -17.11
O4 MAN B . -8.57 -26.48 -17.29
O5 MAN B . -6.72 -28.07 -14.55
O6 MAN B . -7.59 -29.84 -16.60
H1 MAN B . -5.19 -27.29 -13.43
H2 MAN B . -5.11 -25.13 -14.68
H3 MAN B . -7.42 -25.03 -15.44
H4 MAN B . -6.75 -27.44 -17.18
H5 MAN B . -8.58 -27.23 -14.74
H61 MAN B . -9.39 -28.86 -16.42
H62 MAN B . -8.79 -29.65 -14.95
HO3 MAN B . -5.60 -25.39 -17.63
HO4 MAN B . -9.18 -25.98 -16.72
HO6 MAN B . -6.82 -30.02 -16.07
C1 MAN B . -3.20 -26.52 -15.53
C2 MAN B . -2.27 -27.08 -16.61
C3 MAN B . -2.36 -28.60 -16.66
C4 MAN B . -2.08 -29.20 -15.28
C5 MAN B . -3.00 -28.56 -14.23
C6 MAN B . -2.72 -29.05 -12.81
O2 MAN B . -0.95 -26.68 -16.35
O3 MAN B . -1.45 -29.13 -17.61
O4 MAN B . -2.26 -30.60 -15.31
O5 MAN B . -2.87 -27.13 -14.27
O6 MAN B . -1.40 -28.71 -12.41
H1 MAN B . -3.01 -25.44 -15.44
H2 MAN B . -2.58 -26.68 -17.58
H3 MAN B . -3.38 -28.89 -16.94
H4 MAN B . -1.03 -28.98 -15.00
H5 MAN B . -4.03 -28.83 -14.48
H61 MAN B . -2.84 -30.14 -12.76
H62 MAN B . -3.43 -28.59 -12.12
HO2 MAN B . -0.67 -27.01 -15.48
HO3 MAN B . -1.52 -30.09 -17.62
HO4 MAN B . -3.19 -30.79 -15.54
HO6 MAN B . -1.31 -27.77 -12.43
C1 MAN B . -9.28 -30.38 -9.66
C2 MAN B . -9.74 -31.50 -8.73
C3 MAN B . -10.01 -32.78 -9.54
C4 MAN B . -10.97 -32.50 -10.69
C5 MAN B . -10.45 -31.33 -11.54
C6 MAN B . -11.41 -30.93 -12.68
O2 MAN B . -10.90 -31.10 -8.03
O3 MAN B . -10.45 -33.85 -8.66
O4 MAN B . -11.09 -33.65 -11.49
O5 MAN B . -10.24 -30.17 -10.70
O6 MAN B . -11.58 -31.96 -13.65
H1 MAN B . -9.26 -29.45 -9.06
H2 MAN B . -8.94 -31.71 -8.01
H3 MAN B . -9.05 -33.08 -9.98
H4 MAN B . -11.96 -32.22 -10.29
H5 MAN B . -9.49 -31.60 -11.97
H61 MAN B . -11.04 -30.02 -13.16
H62 MAN B . -12.38 -30.71 -12.23
HO2 MAN B . -10.71 -30.30 -7.52
HO4 MAN B . -11.78 -33.52 -12.15
C1 MAN B . -11.82 -34.02 -8.35
C2 MAN B . -11.95 -34.85 -7.07
C3 MAN B . -11.47 -36.28 -7.31
C4 MAN B . -12.21 -36.90 -8.49
C5 MAN B . -12.11 -36.00 -9.72
C6 MAN B . -12.90 -36.52 -10.92
O2 MAN B . -13.30 -34.86 -6.64
O3 MAN B . -11.65 -37.06 -6.15
O4 MAN B . -11.68 -38.18 -8.77
O5 MAN B . -12.55 -34.68 -9.39
O6 MAN B . -14.28 -36.60 -10.62
H1 MAN B . -12.30 -33.05 -8.16
H2 MAN B . -11.33 -34.40 -6.29
H3 MAN B . -10.40 -36.25 -7.56
H4 MAN B . -13.27 -37.01 -8.21
H5 MAN B . -11.04 -35.93 -10.02
H61 MAN B . -12.54 -37.51 -11.19
H62 MAN B . -12.76 -35.84 -11.76
HO2 MAN B . -13.60 -33.95 -6.50
HO3 MAN B . -11.17 -36.65 -5.41
HO4 MAN B . -11.74 -38.74 -7.98
HO6 MAN B . -14.40 -37.24 -9.91
C1 MAN B . -10.40 -32.23 -14.36
C2 MAN B . -10.63 -32.06 -15.86
C3 MAN B . -11.63 -33.08 -16.37
C4 MAN B . -11.19 -34.49 -15.99
C5 MAN B . -10.93 -34.58 -14.48
C6 MAN B . -10.43 -35.95 -14.05
O2 MAN B . -9.39 -32.20 -16.54
O3 MAN B . -11.77 -32.97 -17.77
O4 MAN B . -12.17 -35.43 -16.38
O5 MAN B . -9.99 -33.57 -14.08
O6 MAN B . -9.21 -36.26 -14.68
H1 MAN B . -9.58 -31.56 -14.05
H2 MAN B . -11.02 -31.04 -16.05
H3 MAN B . -12.60 -32.88 -15.90
H4 MAN B . -10.24 -34.71 -16.52
H5 MAN B . -11.88 -34.38 -13.95
H61 MAN B . -11.17 -36.71 -14.29
H62 MAN B . -10.29 -35.95 -12.96
HO2 MAN B . -9.54 -32.09 -17.50
HO3 MAN B . -12.06 -32.07 -18.00
HO4 MAN B . -13.00 -35.23 -15.92
HO6 MAN B . -8.57 -35.59 -14.44
N CYS A 1 5.54 -14.91 -0.82
CA CYS A 1 5.18 -14.99 -2.24
C CYS A 1 5.20 -16.43 -2.75
N SER A 2 4.08 -17.13 -2.56
CA SER A 2 3.85 -18.46 -3.10
C SER A 2 3.23 -18.35 -4.50
N ASN A 3 3.79 -17.47 -5.34
CA ASN A 3 3.24 -17.07 -6.63
C ASN A 3 4.13 -16.07 -7.35
N LEU A 4 4.60 -15.03 -6.62
CA LEU A 4 5.30 -13.87 -7.18
C LEU A 4 4.40 -13.17 -8.21
N SER A 5 3.15 -12.92 -7.83
CA SER A 5 2.15 -12.30 -8.70
C SER A 5 0.99 -11.79 -7.85
N THR A 6 0.28 -12.70 -7.18
CA THR A 6 -0.81 -12.36 -6.27
C THR A 6 -0.28 -11.56 -5.07
N CYS A 7 0.91 -11.89 -4.57
CA CYS A 7 1.57 -11.15 -3.52
C CYS A 7 1.94 -9.74 -3.98
N VAL A 8 2.37 -9.59 -5.23
CA VAL A 8 2.78 -8.30 -5.79
C VAL A 8 1.58 -7.38 -5.89
N LEU A 9 0.51 -7.86 -6.54
CA LEU A 9 -0.75 -7.14 -6.72
C LEU A 9 -1.35 -6.75 -5.37
N GLY A 10 -1.39 -7.71 -4.42
CA GLY A 10 -1.91 -7.50 -3.08
C GLY A 10 -1.12 -6.42 -2.33
N LYS A 11 0.21 -6.50 -2.40
CA LYS A 11 1.12 -5.60 -1.70
C LYS A 11 0.96 -4.16 -2.19
N LEU A 12 1.04 -3.92 -3.51
CA LEU A 12 0.92 -2.58 -4.06
C LEU A 12 -0.49 -2.01 -3.88
N SER A 13 -1.52 -2.85 -3.95
CA SER A 13 -2.90 -2.43 -3.71
C SER A 13 -3.07 -1.95 -2.27
N GLN A 14 -2.56 -2.72 -1.30
CA GLN A 14 -2.59 -2.38 0.11
C GLN A 14 -1.82 -1.08 0.38
N GLU A 15 -0.63 -0.95 -0.20
CA GLU A 15 0.22 0.23 -0.05
C GLU A 15 -0.50 1.49 -0.52
N LEU A 16 -1.07 1.46 -1.74
CA LEU A 16 -1.85 2.55 -2.30
C LEU A 16 -3.07 2.87 -1.43
N HIS A 17 -3.76 1.85 -0.91
CA HIS A 17 -4.93 2.02 -0.05
C HIS A 17 -4.57 2.66 1.29
N LYS A 18 -3.36 2.41 1.81
CA LYS A 18 -2.88 2.98 3.06
C LYS A 18 -2.59 4.48 2.87
N LEU A 19 -1.67 4.83 1.97
CA LEU A 19 -1.26 6.22 1.76
C LEU A 19 -2.41 7.05 1.18
N GLN A 20 -3.01 6.57 0.08
CA GLN A 20 -4.24 7.04 -0.53
C GLN A 20 -4.27 8.55 -0.82
N THR A 21 -4.63 9.37 0.18
CA THR A 21 -4.75 10.81 0.07
C THR A 21 -3.40 11.53 0.31
N TYR A 22 -2.32 10.79 0.59
CA TYR A 22 -1.00 11.34 0.88
C TYR A 22 -0.44 12.23 -0.23
N PRO A 23 -0.61 11.91 -1.53
CA PRO A 23 -0.20 12.79 -2.64
C PRO A 23 -1.01 14.09 -2.68
N ARG A 24 -0.76 14.90 -3.72
CA ARG A 24 -1.34 16.22 -3.92
C ARG A 24 -0.83 17.25 -2.89
N THR A 25 0.19 16.91 -2.11
CA THR A 25 0.81 17.79 -1.13
C THR A 25 2.20 17.28 -0.74
N ASP A 26 2.31 15.99 -0.37
CA ASP A 26 3.59 15.39 0.00
C ASP A 26 4.32 14.97 -1.28
N VAL A 27 3.79 13.96 -1.97
CA VAL A 27 4.33 13.47 -3.23
C VAL A 27 3.95 14.42 -4.36
N GLY A 28 2.69 14.87 -4.38
CA GLY A 28 2.13 15.69 -5.44
C GLY A 28 1.53 14.76 -6.49
N ALA A 29 2.36 14.34 -7.47
CA ALA A 29 2.04 13.43 -8.56
C ALA A 29 1.11 14.07 -9.59
N GLY A 30 -0.13 14.37 -9.20
CA GLY A 30 -1.17 14.87 -10.09
C GLY A 30 -1.52 13.81 -11.13
N THR A 31 -1.80 12.58 -10.66
CA THR A 31 -2.07 11.42 -11.49
C THR A 31 -3.20 10.62 -10.83
N PRO A 32 -4.47 10.91 -11.17
CA PRO A 32 -5.64 10.21 -10.66
C PRO A 32 -5.56 8.69 -10.89
N NH2 A 33 -5.25 8.27 -12.12
HN1 NH2 A 33 -5.19 7.28 -12.31
HN2 NH2 A 33 -5.08 8.94 -12.86
C1 NAG B . 0.40 -15.50 -3.09
C2 NAG B . -0.68 -16.35 -2.43
C3 NAG B . -1.12 -15.76 -1.08
C4 NAG B . 0.10 -15.56 -0.20
C5 NAG B . 1.08 -14.63 -0.94
C6 NAG B . 2.32 -14.24 -0.14
C7 NAG B . -1.98 -17.51 -4.17
C8 NAG B . -3.27 -17.54 -4.96
N2 NAG B . -1.83 -16.49 -3.30
O3 NAG B . -2.04 -16.63 -0.46
O4 NAG B . -0.27 -15.01 1.08
O5 NAG B . 1.47 -15.24 -2.17
O6 NAG B . 2.01 -13.43 0.97
O7 NAG B . -1.12 -18.38 -4.34
H1 NAG B . -0.01 -14.52 -3.37
H2 NAG B . -0.25 -17.34 -2.22
H3 NAG B . -1.60 -14.78 -1.26
H4 NAG B . 0.60 -16.54 -0.07
H5 NAG B . 0.54 -13.69 -1.20
H61 NAG B . 2.97 -13.66 -0.77
H62 NAG B . 2.84 -15.15 0.17
H81 NAG B . -3.34 -16.65 -5.60
H82 NAG B . -3.30 -18.42 -5.60
H83 NAG B . -4.12 -17.56 -4.28
HN2 NAG B . -2.57 -15.82 -3.22
HO3 NAG B . -2.82 -16.76 -1.02
HO6 NAG B . 2.84 -13.19 1.41
C1 NAG B . 0.12 -15.66 2.25
C2 NAG B . -0.71 -16.93 2.52
C3 NAG B . -0.21 -17.62 3.78
C4 NAG B . 1.29 -17.91 3.63
C5 NAG B . 2.06 -16.64 3.26
C6 NAG B . 3.54 -16.92 3.01
C7 NAG B . -2.70 -15.80 3.50
C8 NAG B . -4.21 -15.63 3.38
N2 NAG B . -2.13 -16.62 2.61
O3 NAG B . -0.92 -18.82 4.01
O4 NAG B . 1.85 -18.57 4.79
O5 NAG B . 1.49 -16.03 2.10
O6 NAG B . 4.18 -15.75 2.56
O7 NAG B . -2.08 -15.19 4.37
H1 NAG B . 0.04 -14.98 3.11
H2 NAG B . -0.56 -17.62 1.67
H3 NAG B . -0.34 -16.93 4.64
H4 NAG B . 1.39 -18.60 2.77
H5 NAG B . 1.97 -15.89 4.06
H61 NAG B . 3.63 -17.69 2.24
H62 NAG B . 4.01 -17.27 3.93
H81 NAG B . -4.70 -16.59 3.52
H82 NAG B . -4.57 -14.94 4.14
H83 NAG B . -4.46 -15.23 2.40
HN2 NAG B . -2.73 -17.07 1.93
HO3 NAG B . -0.79 -19.41 3.26
HO6 NAG B . 5.10 -15.97 2.33
C1 MAN B . 1.67 -18.06 6.08
C2 MAN B . 2.32 -18.98 7.10
C3 MAN B . 2.24 -18.35 8.50
C4 MAN B . 2.82 -16.94 8.49
C5 MAN B . 2.13 -16.12 7.40
C6 MAN B . 2.66 -14.69 7.28
O2 MAN B . 3.67 -19.22 6.77
O3 MAN B . 2.96 -19.16 9.46
O4 MAN B . 2.65 -16.33 9.75
O5 MAN B . 2.28 -16.76 6.13
O6 MAN B . 4.03 -14.71 6.83
H1 MAN B . 0.60 -17.93 6.31
H2 MAN B . 1.76 -19.93 7.12
H3 MAN B . 1.18 -18.29 8.79
H4 MAN B . 3.89 -17.00 8.25
H5 MAN B . 1.05 -16.06 7.62
H61 MAN B . 2.59 -14.20 8.25
H62 MAN B . 2.05 -14.15 6.56
HO2 MAN B . 4.07 -19.80 7.43
HO4 MAN B . 3.08 -15.47 9.76
C1 MAN B . 2.18 -19.97 10.31
C2 MAN B . 3.03 -20.55 11.42
C3 MAN B . 4.05 -21.53 10.84
C4 MAN B . 3.35 -22.62 10.04
C5 MAN B . 2.44 -21.99 8.98
C6 MAN B . 1.60 -23.02 8.20
O2 MAN B . 2.19 -21.23 12.38
O3 MAN B . 4.83 -22.10 11.87
O4 MAN B . 4.31 -23.46 9.44
O5 MAN B . 1.55 -21.05 9.59
O6 MAN B . 2.43 -23.81 7.37
H1 MAN B . 1.38 -19.37 10.77
H2 MAN B . 3.57 -19.73 11.91
H3 MAN B . 4.72 -20.97 10.16
H4 MAN B . 2.72 -23.21 10.72
H5 MAN B . 3.06 -21.44 8.26
H61 MAN B . 0.89 -22.48 7.57
H62 MAN B . 1.06 -23.65 8.90
HO3 MAN B . 5.48 -22.71 11.49
HO4 MAN B . 4.86 -23.85 10.13
HO6 MAN B . 2.90 -23.24 6.77
C1 MAN B . 2.01 -20.62 13.64
C2 MAN B . 3.27 -20.77 14.51
C3 MAN B . 3.46 -22.23 14.90
C4 MAN B . 2.20 -22.77 15.57
C5 MAN B . 0.97 -22.53 14.68
C6 MAN B . -0.34 -22.96 15.35
O2 MAN B . 3.15 -19.96 15.66
O3 MAN B . 4.57 -22.37 15.76
O4 MAN B . 2.34 -24.15 15.83
O5 MAN B . 0.88 -21.14 14.34
O6 MAN B . -0.57 -22.24 16.54
H1 MAN B . 1.81 -19.54 13.49
H2 MAN B . 4.15 -20.44 13.94
H3 MAN B . 3.62 -22.81 13.98
H4 MAN B . 2.05 -22.24 16.52
H5 MAN B . 1.09 -23.09 13.75
H61 MAN B . -0.30 -24.03 15.56
H62 MAN B . -1.16 -22.77 14.65
HO2 MAN B . 2.35 -20.24 16.16
HO3 MAN B . 5.36 -22.03 15.32
HO4 MAN B . 2.47 -24.62 14.99
HO6 MAN B . -1.40 -22.53 16.92
C1 MAN B . 4.55 -13.42 6.76
C2 MAN B . 5.39 -13.24 5.50
C3 MAN B . 6.64 -14.12 5.54
C4 MAN B . 7.40 -13.90 6.85
C5 MAN B . 6.47 -14.06 8.05
C6 MAN B . 7.20 -13.78 9.37
O2 MAN B . 5.77 -11.88 5.38
O3 MAN B . 7.51 -13.85 4.42
O4 MAN B . 8.48 -14.81 6.93
O5 MAN B . 5.34 -13.18 7.93
O6 MAN B . 7.71 -12.44 9.35
H1 MAN B . 3.75 -12.67 6.75
H2 MAN B . 4.78 -13.52 4.64
H3 MAN B . 6.31 -15.17 5.51
H4 MAN B . 7.79 -12.87 6.84
H5 MAN B . 6.10 -15.10 8.08
H61 MAN B . 8.01 -14.50 9.48
H62 MAN B . 6.49 -13.89 10.19
HO2 MAN B . 4.97 -11.33 5.34
HO4 MAN B . 8.14 -15.72 6.92
C1 MAN B . 7.15 -14.41 3.17
C2 MAN B . 8.36 -14.49 2.25
C3 MAN B . 8.81 -13.10 1.81
C4 MAN B . 7.65 -12.33 1.20
C5 MAN B . 6.48 -12.31 2.17
C6 MAN B . 5.25 -11.59 1.60
O2 MAN B . 8.04 -15.27 1.11
O3 MAN B . 9.88 -13.20 0.90
O4 MAN B . 8.06 -11.02 0.88
O5 MAN B . 6.12 -13.65 2.52
O6 MAN B . 4.81 -12.20 0.41
H1 MAN B . 6.77 -15.43 3.33
H2 MAN B . 9.19 -14.97 2.80
H3 MAN B . 9.15 -12.55 2.71
H4 MAN B . 7.35 -12.85 0.28
H5 MAN B . 6.79 -11.79 3.08
H61 MAN B . 5.49 -10.55 1.41
H62 MAN B . 4.45 -11.63 2.35
HO2 MAN B . 7.76 -16.16 1.40
HO3 MAN B . 9.58 -13.68 0.11
HO4 MAN B . 8.34 -10.56 1.70
HO6 MAN B . 4.03 -11.74 0.10
C1 MAN B . 8.43 -12.15 10.50
C2 MAN B . 8.55 -10.64 10.70
C3 MAN B . 9.34 -10.01 9.55
C4 MAN B . 10.68 -10.70 9.40
C5 MAN B . 10.50 -12.23 9.27
C6 MAN B . 11.83 -12.99 9.18
O2 MAN B . 9.16 -10.37 11.94
O3 MAN B . 9.51 -8.63 9.78
O4 MAN B . 11.37 -10.19 8.28
O5 MAN B . 9.74 -12.73 10.37
O6 MAN B . 12.61 -12.78 10.33
H1 MAN B . 7.95 -12.59 11.39
H2 MAN B . 7.53 -10.21 10.70
H3 MAN B . 8.77 -10.15 8.62
H4 MAN B . 11.28 -10.50 10.31
H5 MAN B . 9.93 -12.43 8.35
H61 MAN B . 12.38 -12.65 8.30
H62 MAN B . 11.60 -14.05 9.08
HO2 MAN B . 10.05 -10.77 11.94
HO3 MAN B . 10.02 -8.25 9.04
HO4 MAN B . 12.25 -10.59 8.22
HO6 MAN B . 12.83 -11.85 10.38
N CYS A 1 3.32 -16.10 -0.14
CA CYS A 1 3.85 -15.47 -1.36
C CYS A 1 4.81 -16.42 -2.10
N SER A 2 4.28 -17.59 -2.50
CA SER A 2 5.03 -18.59 -3.26
C SER A 2 5.33 -18.04 -4.66
N ASN A 3 4.27 -17.71 -5.39
CA ASN A 3 4.31 -16.95 -6.64
C ASN A 3 4.51 -15.47 -6.35
N LEU A 4 4.64 -14.67 -7.42
CA LEU A 4 4.77 -13.23 -7.38
C LEU A 4 3.74 -12.59 -8.32
N SER A 5 2.48 -13.04 -8.24
CA SER A 5 1.38 -12.56 -9.05
C SER A 5 0.35 -11.86 -8.15
N THR A 6 -0.54 -12.64 -7.51
CA THR A 6 -1.54 -12.13 -6.58
C THR A 6 -0.87 -11.50 -5.35
N CYS A 7 0.30 -12.02 -4.96
CA CYS A 7 1.13 -11.47 -3.90
C CYS A 7 1.53 -10.02 -4.23
N VAL A 8 2.09 -9.79 -5.43
CA VAL A 8 2.56 -8.49 -5.87
C VAL A 8 1.38 -7.52 -6.01
N LEU A 9 0.32 -7.93 -6.71
CA LEU A 9 -0.88 -7.11 -6.91
C LEU A 9 -1.50 -6.71 -5.57
N GLY A 10 -1.60 -7.66 -4.64
CA GLY A 10 -2.11 -7.43 -3.29
C GLY A 10 -1.25 -6.44 -2.51
N LYS A 11 0.08 -6.59 -2.60
CA LYS A 11 1.05 -5.73 -1.92
C LYS A 11 0.92 -4.29 -2.40
N LEU A 12 0.92 -4.08 -3.73
CA LEU A 12 0.77 -2.77 -4.35
C LEU A 12 -0.55 -2.14 -3.93
N SER A 13 -1.66 -2.89 -4.03
CA SER A 13 -2.99 -2.44 -3.64
C SER A 13 -3.02 -1.99 -2.17
N GLN A 14 -2.39 -2.75 -1.28
CA GLN A 14 -2.31 -2.45 0.15
C GLN A 14 -1.56 -1.15 0.39
N GLU A 15 -0.40 -0.97 -0.24
CA GLU A 15 0.43 0.23 -0.12
C GLU A 15 -0.32 1.48 -0.60
N LEU A 16 -0.95 1.39 -1.78
CA LEU A 16 -1.72 2.46 -2.37
C LEU A 16 -2.90 2.85 -1.46
N HIS A 17 -3.64 1.86 -0.94
CA HIS A 17 -4.73 2.09 -0.03
C HIS A 17 -4.27 2.71 1.29
N LYS A 18 -3.10 2.28 1.79
CA LYS A 18 -2.55 2.76 3.04
C LYS A 18 -2.26 4.26 2.96
N LEU A 19 -1.41 4.67 2.01
CA LEU A 19 -1.04 6.07 1.85
C LEU A 19 -2.25 6.94 1.45
N GLN A 20 -3.19 6.39 0.67
CA GLN A 20 -4.44 7.05 0.35
C GLN A 20 -5.22 7.39 1.62
N THR A 21 -5.40 6.39 2.49
CA THR A 21 -6.06 6.56 3.79
C THR A 21 -5.02 6.97 4.85
N TYR A 22 -4.14 7.91 4.49
CA TYR A 22 -3.05 8.46 5.30
C TYR A 22 -1.98 7.41 5.63
N PRO A 23 -0.68 7.68 5.37
CA PRO A 23 0.39 6.80 5.80
C PRO A 23 0.40 6.71 7.33
N ARG A 24 0.22 7.86 8.00
CA ARG A 24 -0.15 7.95 9.40
C ARG A 24 -1.65 7.70 9.51
N THR A 25 -2.05 6.43 9.68
CA THR A 25 -3.43 6.06 9.93
C THR A 25 -3.88 6.70 11.25
N ASP A 26 -5.01 7.42 11.22
CA ASP A 26 -5.39 8.40 12.24
C ASP A 26 -4.30 9.49 12.30
N VAL A 27 -4.35 10.40 11.32
CA VAL A 27 -3.27 11.34 11.03
C VAL A 27 -3.01 12.31 12.18
N GLY A 28 -1.72 12.51 12.46
CA GLY A 28 -1.19 13.54 13.35
C GLY A 28 -0.28 14.46 12.55
N ALA A 29 0.67 13.88 11.81
CA ALA A 29 1.58 14.58 10.93
C ALA A 29 2.03 13.63 9.82
N GLY A 30 1.17 13.44 8.80
CA GLY A 30 1.45 12.57 7.67
C GLY A 30 0.37 12.71 6.62
N THR A 31 0.57 13.62 5.66
CA THR A 31 -0.32 13.89 4.55
C THR A 31 -0.45 12.64 3.65
N PRO A 32 -1.60 12.43 2.97
CA PRO A 32 -1.80 11.28 2.09
C PRO A 32 -0.69 11.09 1.06
N NH2 A 33 -0.35 12.17 0.34
HN1 NH2 A 33 0.38 12.09 -0.36
HN2 NH2 A 33 -0.81 13.04 0.50
C1 NAG B . 0.22 -17.56 -4.85
C2 NAG B . -1.11 -18.15 -5.32
C3 NAG B . -2.17 -18.01 -4.22
C4 NAG B . -1.66 -18.58 -2.88
C5 NAG B . -0.27 -18.03 -2.54
C6 NAG B . 0.36 -18.68 -1.30
C7 NAG B . -2.25 -18.06 -7.50
C8 NAG B . -2.62 -17.17 -8.69
N2 NAG B . -1.55 -17.47 -6.52
O3 NAG B . -3.34 -18.68 -4.63
O4 NAG B . -2.53 -18.26 -1.75
O5 NAG B . 0.62 -18.21 -3.65
O6 NAG B . 0.53 -20.06 -1.48
O7 NAG B . -2.60 -19.24 -7.48
H1 NAG B . 0.09 -16.49 -4.64
H2 NAG B . -0.96 -19.23 -5.52
H3 NAG B . -2.38 -16.95 -4.07
H4 NAG B . -1.59 -19.67 -2.97
H5 NAG B . -0.34 -16.95 -2.37
H61 NAG B . -0.29 -18.50 -0.44
H62 NAG B . 1.32 -18.22 -1.11
H81 NAG B . -1.70 -16.84 -9.19
H82 NAG B . -3.22 -17.73 -9.41
H83 NAG B . -3.18 -16.30 -8.35
HN2 NAG B . -1.30 -16.50 -6.63
HO3 NAG B . -3.14 -19.62 -4.79
HO6 NAG B . -0.33 -20.47 -1.60
C1 NAG B . -3.92 -18.28 -1.86
C2 NAG B . -4.56 -18.26 -0.48
C3 NAG B . -6.08 -18.12 -0.56
C4 NAG B . -6.55 -17.04 -1.56
C5 NAG B . -5.72 -17.07 -2.85
C6 NAG B . -6.02 -15.88 -3.76
C7 NAG B . -4.08 -19.60 1.54
C8 NAG B . -3.78 -21.00 2.08
N2 NAG B . -4.23 -19.50 0.21
O3 NAG B . -6.57 -17.83 0.73
O4 NAG B . -7.94 -17.21 -1.93
O5 NAG B . -4.32 -17.09 -2.54
O6 NAG B . -5.23 -15.94 -4.92
O7 NAG B . -4.18 -18.65 2.31
H1 NAG B . -4.27 -19.15 -2.42
H2 NAG B . -4.16 -17.40 0.08
H3 NAG B . -6.49 -19.09 -0.89
H4 NAG B . -6.41 -16.06 -1.08
H5 NAG B . -5.95 -17.99 -3.40
H61 NAG B . -5.80 -14.96 -3.23
H62 NAG B . -7.07 -15.90 -4.04
H81 NAG B . -4.50 -21.72 1.68
H82 NAG B . -2.77 -21.30 1.78
H83 NAG B . -3.85 -20.99 3.16
HN2 NAG B . -4.12 -20.33 -0.35
HO3 NAG B . -6.36 -18.56 1.33
HO6 NAG B . -5.41 -16.77 -5.37
C1 MAN B . -8.95 -17.25 -0.97
C2 MAN B . -10.32 -17.10 -1.62
C3 MAN B . -11.42 -17.27 -0.57
C4 MAN B . -11.24 -18.57 0.24
C5 MAN B . -9.81 -18.67 0.76
C6 MAN B . -9.50 -19.96 1.50
O2 MAN B . -10.47 -18.05 -2.66
O3 MAN B . -12.74 -17.16 -1.18
O4 MAN B . -12.15 -18.58 1.33
O5 MAN B . -8.89 -18.54 -0.34
O6 MAN B . -8.28 -19.78 2.21
H1 MAN B . -8.80 -16.49 -0.20
H2 MAN B . -10.39 -16.09 -2.04
H3 MAN B . -11.31 -16.44 0.14
H4 MAN B . -11.44 -19.43 -0.41
H5 MAN B . -9.63 -17.82 1.44
H61 MAN B . -9.40 -20.77 0.77
H62 MAN B . -10.32 -20.17 2.18
HO2 MAN B . -9.76 -17.92 -3.31
HO4 MAN B . -12.12 -19.44 1.77
C1 MAN B . -13.36 -18.31 -1.70
C2 MAN B . -14.39 -17.89 -2.78
C3 MAN B . -15.52 -17.11 -2.11
C4 MAN B . -16.16 -17.95 -1.00
C5 MAN B . -15.10 -18.44 -0.02
C6 MAN B . -15.69 -19.39 1.03
O2 MAN B . -14.91 -19.05 -3.45
O3 MAN B . -16.49 -16.77 -3.08
O4 MAN B . -17.13 -17.19 -0.34
O5 MAN B . -14.03 -19.10 -0.72
O6 MAN B . -14.70 -19.83 1.93
H1 MAN B . -12.63 -18.94 -2.20
H2 MAN B . -13.89 -17.22 -3.50
H3 MAN B . -15.12 -16.20 -1.67
H4 MAN B . -16.64 -18.83 -1.46
H5 MAN B . -14.66 -17.56 0.51
H61 MAN B . -16.12 -20.25 0.52
H62 MAN B . -16.47 -18.88 1.59
HO3 MAN B . -16.86 -17.59 -3.48
HO4 MAN B . -16.73 -16.41 0.07
HO6 MAN B . -14.02 -20.29 1.43
C1 MAN B . -14.26 -19.44 -4.65
C2 MAN B . -15.11 -20.47 -5.39
C3 MAN B . -15.18 -21.78 -4.61
C4 MAN B . -13.77 -22.29 -4.32
C5 MAN B . -12.95 -21.20 -3.62
C6 MAN B . -11.49 -21.61 -3.36
O2 MAN B . -14.58 -20.69 -6.68
O3 MAN B . -15.91 -22.75 -5.33
O4 MAN B . -13.82 -23.44 -3.52
O5 MAN B . -12.96 -19.99 -4.41
O6 MAN B . -10.83 -21.87 -4.57
H1 MAN B . -14.14 -18.56 -5.30
H2 MAN B . -16.14 -20.07 -5.48
H3 MAN B . -15.68 -21.58 -3.65
H4 MAN B . -13.28 -22.53 -5.28
H5 MAN B . -13.41 -20.98 -2.66
H61 MAN B . -11.48 -22.51 -2.74
H62 MAN B . -10.99 -20.80 -2.83
HO2 MAN B . -14.55 -19.85 -7.17
HO3 MAN B . -15.94 -23.57 -4.81
HO4 MAN B . -14.33 -24.13 -3.98
HO6 MAN B . -10.84 -21.08 -5.10
C1 MAN B . -7.83 -20.94 2.87
C2 MAN B . -8.88 -21.60 3.77
C3 MAN B . -9.32 -20.60 4.82
C4 MAN B . -8.11 -20.14 5.64
C5 MAN B . -7.01 -19.61 4.71
C6 MAN B . -5.74 -19.29 5.49
O2 MAN B . -8.32 -22.75 4.39
O3 MAN B . -10.32 -21.18 5.68
O4 MAN B . -8.52 -19.14 6.55
O5 MAN B . -6.69 -20.57 3.68
O6 MAN B . -5.23 -20.47 6.11
H1 MAN B . -7.47 -21.67 2.13
H2 MAN B . -9.75 -21.92 3.16
H3 MAN B . -9.72 -19.71 4.31
H4 MAN B . -7.73 -21.01 6.19
H5 MAN B . -7.36 -18.69 4.23
H61 MAN B . -5.97 -18.54 6.25
H62 MAN B . -4.99 -18.87 4.81
HO2 MAN B . -7.53 -22.49 4.89
HO4 MAN B . -8.88 -18.39 6.06
C1 MAN B . -11.67 -21.02 5.28
C2 MAN B . -12.17 -19.58 5.43
C3 MAN B . -12.21 -19.20 6.91
C4 MAN B . -13.07 -20.19 7.68
C5 MAN B . -12.60 -21.63 7.43
C6 MAN B . -13.48 -22.68 8.11
O2 MAN B . -13.44 -19.44 4.84
O3 MAN B . -12.71 -17.88 7.05
O4 MAN B . -13.03 -19.89 9.06
O5 MAN B . -12.54 -21.89 6.02
O6 MAN B . -14.79 -22.63 7.61
H1 MAN B . -11.78 -21.33 4.23
H2 MAN B . -11.47 -18.89 4.91
H3 MAN B . -11.19 -19.25 7.31
H4 MAN B . -14.11 -20.10 7.32
H5 MAN B . -11.58 -21.73 7.82
H61 MAN B . -13.49 -22.51 9.18
H62 MAN B . -13.05 -23.67 7.91
HO2 MAN B . -13.40 -19.67 3.90
HO3 MAN B . -12.14 -17.27 6.56
HO4 MAN B . -12.12 -19.97 9.37
HO6 MAN B . -15.18 -21.78 7.82
C1 MAN B . -4.06 -20.22 6.83
C2 MAN B . -2.82 -20.59 6.01
C3 MAN B . -2.82 -22.09 5.72
C4 MAN B . -2.93 -22.87 7.03
C5 MAN B . -4.16 -22.41 7.83
C6 MAN B . -4.27 -23.11 9.19
O2 MAN B . -1.66 -20.23 6.72
O3 MAN B . -1.65 -22.45 5.03
O4 MAN B . -3.02 -24.26 6.75
O5 MAN B . -4.11 -20.99 8.03
O6 MAN B . -3.14 -22.85 9.98
H1 MAN B . -4.00 -19.16 7.12
H2 MAN B . -2.85 -20.05 5.06
H3 MAN B . -3.70 -22.33 5.10
H4 MAN B . -2.02 -22.68 7.63
H5 MAN B . -5.06 -22.63 7.25
H61 MAN B . -4.37 -24.19 9.03
H62 MAN B . -5.17 -22.75 9.69
HO2 MAN B . -1.68 -19.27 6.89
HO3 MAN B . -1.60 -21.95 4.20
HO4 MAN B . -2.23 -24.53 6.25
HO6 MAN B . -3.07 -21.90 10.12
N CYS A 1 4.83 -15.23 -0.13
CA CYS A 1 4.24 -14.94 -1.45
C CYS A 1 3.66 -16.18 -2.12
N SER A 2 4.46 -17.26 -2.22
CA SER A 2 4.20 -18.47 -2.99
C SER A 2 4.45 -18.23 -4.48
N ASN A 3 3.87 -17.16 -5.03
CA ASN A 3 4.06 -16.74 -6.42
C ASN A 3 4.04 -15.21 -6.47
N LEU A 4 4.91 -14.64 -7.32
CA LEU A 4 5.06 -13.20 -7.49
C LEU A 4 4.05 -12.70 -8.53
N SER A 5 2.77 -12.75 -8.15
CA SER A 5 1.65 -12.28 -8.95
C SER A 5 0.53 -11.84 -8.00
N THR A 6 -0.01 -12.78 -7.22
CA THR A 6 -0.92 -12.50 -6.13
C THR A 6 -0.23 -11.60 -5.10
N CYS A 7 1.03 -11.89 -4.79
CA CYS A 7 1.83 -11.17 -3.82
C CYS A 7 2.13 -9.75 -4.29
N VAL A 8 2.46 -9.59 -5.58
CA VAL A 8 2.79 -8.32 -6.20
C VAL A 8 1.55 -7.42 -6.18
N LEU A 9 0.44 -7.88 -6.78
CA LEU A 9 -0.82 -7.16 -6.82
C LEU A 9 -1.33 -6.85 -5.41
N GLY A 10 -1.17 -7.80 -4.48
CA GLY A 10 -1.54 -7.63 -3.08
C GLY A 10 -0.77 -6.48 -2.43
N LYS A 11 0.55 -6.46 -2.61
CA LYS A 11 1.43 -5.44 -2.04
C LYS A 11 1.11 -4.05 -2.59
N LEU A 12 0.93 -3.94 -3.91
CA LEU A 12 0.58 -2.69 -4.57
C LEU A 12 -0.75 -2.15 -4.04
N SER A 13 -1.80 -2.99 -4.06
CA SER A 13 -3.13 -2.64 -3.58
C SER A 13 -3.09 -2.17 -2.12
N GLN A 14 -2.38 -2.93 -1.26
CA GLN A 14 -2.20 -2.62 0.15
C GLN A 14 -1.55 -1.24 0.33
N GLU A 15 -0.45 -0.98 -0.38
CA GLU A 15 0.32 0.24 -0.25
C GLU A 15 -0.48 1.46 -0.70
N LEU A 16 -1.12 1.36 -1.88
CA LEU A 16 -1.97 2.40 -2.43
C LEU A 16 -3.13 2.73 -1.48
N HIS A 17 -3.75 1.70 -0.90
CA HIS A 17 -4.82 1.88 0.09
C HIS A 17 -4.29 2.53 1.37
N LYS A 18 -3.09 2.14 1.81
CA LYS A 18 -2.51 2.61 3.07
C LYS A 18 -2.24 4.11 3.02
N LEU A 19 -1.57 4.60 1.97
CA LEU A 19 -1.28 6.02 1.79
C LEU A 19 -2.56 6.83 1.52
N GLN A 20 -3.55 6.23 0.85
CA GLN A 20 -4.85 6.84 0.60
C GLN A 20 -5.58 7.09 1.93
N THR A 21 -5.66 6.05 2.78
CA THR A 21 -6.27 6.11 4.10
C THR A 21 -5.55 7.13 4.97
N TYR A 22 -4.22 7.01 5.04
CA TYR A 22 -3.34 7.81 5.90
C TYR A 22 -3.78 7.68 7.36
N PRO A 23 -3.59 6.51 8.00
CA PRO A 23 -4.00 6.27 9.37
C PRO A 23 -3.05 6.97 10.35
N ARG A 24 -3.47 7.04 11.62
CA ARG A 24 -2.71 7.60 12.73
C ARG A 24 -2.73 6.67 13.95
N THR A 25 -2.98 5.36 13.73
CA THR A 25 -2.98 4.33 14.75
C THR A 25 -2.40 3.06 14.12
N ASP A 26 -1.11 3.13 13.77
CA ASP A 26 -0.37 2.09 13.08
C ASP A 26 -1.10 1.68 11.79
N VAL A 27 -1.72 0.50 11.77
CA VAL A 27 -2.64 0.06 10.73
C VAL A 27 -4.05 0.38 11.22
N GLY A 28 -4.50 1.62 10.99
CA GLY A 28 -5.80 2.11 11.43
C GLY A 28 -6.93 1.60 10.54
N ALA A 29 -8.13 2.14 10.76
CA ALA A 29 -9.33 1.78 10.01
C ALA A 29 -9.14 2.16 8.53
N GLY A 30 -9.41 1.19 7.64
CA GLY A 30 -9.16 1.32 6.20
C GLY A 30 -10.27 2.11 5.52
N THR A 31 -10.27 3.44 5.73
CA THR A 31 -11.24 4.37 5.17
C THR A 31 -12.66 3.99 5.60
N PRO A 32 -13.03 4.24 6.88
CA PRO A 32 -14.33 3.86 7.41
C PRO A 32 -15.44 4.76 6.85
N NH2 A 33 -15.22 6.07 6.79
HN1 NH2 A 33 -15.93 6.69 6.41
HN2 NH2 A 33 -14.33 6.45 7.10
C1 NAG B . -0.23 -17.69 -5.26
C2 NAG B . -0.96 -19.02 -5.15
C3 NAG B . -2.26 -18.88 -4.33
C4 NAG B . -1.93 -18.26 -2.97
C5 NAG B . -1.20 -16.93 -3.17
C6 NAG B . -0.82 -16.23 -1.86
C7 NAG B . -1.95 -19.05 -7.42
C8 NAG B . -2.07 -19.84 -8.72
N2 NAG B . -1.22 -19.61 -6.45
O3 NAG B . -2.86 -20.15 -4.15
O4 NAG B . -3.15 -18.05 -2.23
O5 NAG B . -0.01 -17.14 -3.95
O6 NAG B . -0.03 -17.08 -1.06
O7 NAG B . -2.51 -17.96 -7.33
H1 NAG B . -0.84 -16.98 -5.82
H2 NAG B . -0.31 -19.71 -4.59
H3 NAG B . -2.95 -18.22 -4.87
H4 NAG B . -1.26 -18.94 -2.44
H5 NAG B . -1.85 -16.25 -3.76
H61 NAG B . -1.73 -15.97 -1.34
H62 NAG B . -0.26 -15.32 -2.09
H81 NAG B . -1.07 -20.00 -9.15
H82 NAG B . -2.53 -20.80 -8.52
H83 NAG B . -2.68 -19.29 -9.45
HN2 NAG B . -0.81 -20.51 -6.64
HO3 NAG B . -3.65 -20.05 -3.60
HO6 NAG B . 0.18 -16.61 -0.25
C1 NAG B . -3.26 -18.68 -1.00
C2 NAG B . -4.53 -18.25 -0.27
C3 NAG B . -4.70 -19.02 1.03
C4 NAG B . -4.63 -20.52 0.76
C5 NAG B . -3.35 -20.86 -0.02
C6 NAG B . -3.26 -22.35 -0.36
C7 NAG B . -3.66 -16.12 0.70
C8 NAG B . -3.87 -14.62 0.80
N2 NAG B . -4.55 -16.81 -0.03
O3 NAG B . -5.93 -18.69 1.64
O4 NAG B . -4.67 -21.25 2.00
O5 NAG B . -3.30 -20.09 -1.22
O6 NAG B . -2.09 -22.61 -1.11
O7 NAG B . -2.71 -16.65 1.28
H1 NAG B . -2.37 -18.47 -0.37
H2 NAG B . -5.39 -18.49 -0.92
H3 NAG B . -3.89 -18.77 1.72
H4 NAG B . -5.49 -20.80 0.13
H5 NAG B . -2.49 -20.59 0.60
H61 NAG B . -4.13 -22.63 -0.96
H62 NAG B . -3.24 -22.93 0.55
H81 NAG B . -3.10 -14.17 1.42
H82 NAG B . -3.84 -14.18 -0.19
H83 NAG B . -4.84 -14.42 1.26
HN2 NAG B . -5.29 -16.28 -0.46
HO3 NAG B . -5.95 -17.74 1.84
HO6 NAG B . -2.07 -23.54 -1.31
C1 MAN B . -5.71 -22.16 2.19
C2 MAN B . -5.52 -22.90 3.51
C3 MAN B . -6.64 -23.92 3.65
C4 MAN B . -8.01 -23.29 3.45
C5 MAN B . -8.10 -22.24 2.32
C6 MAN B . -9.29 -21.31 2.58
O2 MAN B . -5.53 -21.99 4.58
O3 MAN B . -6.62 -24.55 4.95
O4 MAN B . -8.94 -24.32 3.24
O5 MAN B . -6.93 -21.42 2.26
O6 MAN B . -10.49 -22.06 2.73
H1 MAN B . -5.77 -22.86 1.35
H2 MAN B . -4.55 -23.43 3.48
H3 MAN B . -6.50 -24.68 2.86
H4 MAN B . -8.26 -22.77 4.39
H5 MAN B . -8.22 -22.74 1.35
H61 MAN B . -9.41 -20.60 1.76
H62 MAN B . -9.08 -20.77 3.50
HO2 MAN B . -6.38 -21.52 4.60
HO4 MAN B . -9.84 -23.95 3.15
C1 MAN B . -5.80 -25.69 5.11
C2 MAN B . -6.26 -26.46 6.36
C3 MAN B . -6.04 -25.58 7.60
C4 MAN B . -4.57 -25.17 7.68
C5 MAN B . -4.12 -24.49 6.38
C6 MAN B . -2.63 -24.15 6.37
O2 MAN B . -5.55 -27.70 6.53
O3 MAN B . -6.42 -26.30 8.77
O4 MAN B . -4.39 -24.27 8.78
O5 MAN B . -4.43 -25.33 5.26
O6 MAN B . -1.85 -25.32 6.45
H1 MAN B . -5.91 -26.34 4.24
H2 MAN B . -7.34 -26.66 6.27
H3 MAN B . -6.66 -24.68 7.51
H4 MAN B . -3.96 -26.06 7.85
H5 MAN B . -4.69 -23.57 6.27
H61 MAN B . -2.41 -23.49 7.21
H62 MAN B . -2.40 -23.63 5.44
HO3 MAN B . -7.34 -26.55 8.70
HO4 MAN B . -4.95 -23.49 8.64
HO6 MAN B . -0.92 -25.06 6.43
C1 MAN B . -5.46 -28.60 5.43
C2 MAN B . -5.25 -30.02 5.94
C3 MAN B . -3.89 -30.14 6.63
C4 MAN B . -2.77 -29.69 5.70
C5 MAN B . -3.07 -28.29 5.16
C6 MAN B . -2.02 -27.84 4.13
O2 MAN B . -5.34 -30.93 4.86
O3 MAN B . -3.68 -31.48 7.04
O4 MAN B . -1.54 -29.70 6.39
O5 MAN B . -4.38 -28.25 4.56
O6 MAN B . -2.28 -26.52 3.71
H1 MAN B . -6.39 -28.58 4.85
H2 MAN B . -6.04 -30.25 6.67
H3 MAN B . -3.89 -29.49 7.51
H4 MAN B . -2.73 -30.39 4.85
H5 MAN B . -3.07 -27.58 6.00
H61 MAN B . -2.05 -28.52 3.28
H62 MAN B . -1.03 -27.88 4.59
HO2 MAN B . -4.65 -30.72 4.21
HO3 MAN B . -4.39 -31.76 7.64
HO4 MAN B . -1.38 -30.60 6.72
HO6 MAN B . -2.22 -25.94 4.47
C1 MAN B . -11.51 -21.33 3.36
C2 MAN B . -11.41 -21.50 4.88
C3 MAN B . -11.59 -22.98 5.20
C4 MAN B . -12.94 -23.47 4.68
C5 MAN B . -13.03 -23.19 3.18
C6 MAN B . -14.41 -23.56 2.62
O2 MAN B . -12.39 -20.72 5.52
O3 MAN B . -11.44 -23.23 6.61
O4 MAN B . -13.08 -24.84 4.93
O5 MAN B . -12.78 -21.81 2.89
O6 MAN B . -15.42 -22.81 3.30
H1 MAN B . -11.43 -20.26 3.10
H2 MAN B . -10.41 -21.18 5.21
H3 MAN B . -10.82 -23.54 4.66
H4 MAN B . -13.73 -22.91 5.20
H5 MAN B . -12.28 -23.79 2.65
H61 MAN B . -14.57 -24.63 2.78
H62 MAN B . -14.44 -23.35 1.55
HO2 MAN B . -13.28 -20.98 5.19
HO4 MAN B . -12.37 -25.33 4.49
C1 MAN B . -10.29 -23.97 6.96
C2 MAN B . -10.36 -24.42 8.42
C3 MAN B . -10.25 -23.23 9.36
C4 MAN B . -8.98 -22.44 9.05
C5 MAN B . -8.95 -22.05 7.58
C6 MAN B . -7.68 -21.30 7.17
O2 MAN B . -9.33 -25.36 8.68
O3 MAN B . -10.24 -23.67 10.70
O4 MAN B . -8.92 -21.29 9.86
O5 MAN B . -9.09 -23.22 6.75
O6 MAN B . -6.54 -22.09 7.41
H1 MAN B . -10.24 -24.86 6.32
H2 MAN B . -11.35 -24.92 8.58
H3 MAN B . -11.11 -22.58 9.19
H4 MAN B . -8.11 -23.08 9.26
H5 MAN B . -9.81 -21.40 7.36
H61 MAN B . -7.61 -20.37 7.75
H62 MAN B . -7.74 -21.05 6.11
HO2 MAN B . -9.41 -26.10 8.06
HO3 MAN B . -9.47 -24.25 10.85
HO4 MAN B . -9.71 -20.72 9.68
HO6 MAN B . -5.76 -21.61 7.13
C1 MAN B . -16.69 -23.17 2.89
C2 MAN B . -17.72 -22.08 3.24
C3 MAN B . -17.80 -21.91 4.76
C4 MAN B . -18.10 -23.26 5.42
C5 MAN B . -17.08 -24.31 4.98
C6 MAN B . -17.37 -25.69 5.57
O2 MAN B . -18.98 -22.42 2.71
O3 MAN B . -18.80 -20.97 5.09
O4 MAN B . -18.06 -23.11 6.83
O5 MAN B . -17.06 -24.40 3.54
O6 MAN B . -16.39 -26.62 5.14
H1 MAN B . -16.73 -23.35 1.80
H2 MAN B . -17.37 -21.13 2.80
H3 MAN B . -16.83 -21.55 5.13
H4 MAN B . -19.09 -23.59 5.11
H5 MAN B . -16.08 -24.00 5.32
H61 MAN B . -18.35 -26.01 5.22
H62 MAN B . -17.36 -25.63 6.65
HO2 MAN B . -18.90 -22.52 1.75
HO3 MAN B . -19.66 -21.29 4.75
HO4 MAN B . -18.72 -22.44 7.09
HO6 MAN B . -16.60 -27.47 5.52
N CYS A 1 4.51 -15.87 0.44
CA CYS A 1 4.38 -15.78 -1.03
C CYS A 1 4.83 -17.07 -1.72
N SER A 2 4.22 -17.38 -2.87
CA SER A 2 4.59 -18.50 -3.72
C SER A 2 4.49 -18.09 -5.19
N ASN A 3 3.36 -17.48 -5.57
CA ASN A 3 3.03 -17.14 -6.95
C ASN A 3 3.96 -16.08 -7.54
N LEU A 4 4.28 -15.05 -6.74
CA LEU A 4 4.94 -13.83 -7.19
C LEU A 4 4.08 -13.14 -8.25
N SER A 5 2.79 -12.94 -7.92
CA SER A 5 1.80 -12.34 -8.79
C SER A 5 0.66 -11.80 -7.92
N THR A 6 -0.05 -12.69 -7.22
CA THR A 6 -1.02 -12.31 -6.20
C THR A 6 -0.33 -11.53 -5.08
N CYS A 7 0.94 -11.86 -4.80
CA CYS A 7 1.73 -11.24 -3.75
C CYS A 7 1.97 -9.76 -4.06
N VAL A 8 2.52 -9.48 -5.25
CA VAL A 8 2.90 -8.13 -5.67
C VAL A 8 1.66 -7.25 -5.91
N LEU A 9 0.62 -7.80 -6.55
CA LEU A 9 -0.65 -7.12 -6.75
C LEU A 9 -1.30 -6.78 -5.41
N GLY A 10 -1.28 -7.73 -4.47
CA GLY A 10 -1.79 -7.54 -3.11
C GLY A 10 -1.03 -6.42 -2.40
N LYS A 11 0.31 -6.42 -2.49
CA LYS A 11 1.17 -5.46 -1.83
C LYS A 11 0.90 -4.04 -2.33
N LEU A 12 1.02 -3.79 -3.64
CA LEU A 12 0.85 -2.45 -4.19
C LEU A 12 -0.56 -1.92 -3.94
N SER A 13 -1.58 -2.79 -3.98
CA SER A 13 -2.96 -2.43 -3.67
C SER A 13 -3.10 -1.99 -2.21
N GLN A 14 -2.47 -2.72 -1.29
CA GLN A 14 -2.50 -2.43 0.14
C GLN A 14 -1.78 -1.11 0.44
N GLU A 15 -0.65 -0.86 -0.24
CA GLU A 15 0.18 0.32 -0.02
C GLU A 15 -0.49 1.59 -0.55
N LEU A 16 -1.04 1.56 -1.77
CA LEU A 16 -1.75 2.70 -2.33
C LEU A 16 -3.04 2.98 -1.56
N HIS A 17 -3.69 1.94 -1.01
CA HIS A 17 -4.81 2.09 -0.10
C HIS A 17 -4.37 2.82 1.17
N LYS A 18 -3.29 2.36 1.80
CA LYS A 18 -2.78 2.91 3.05
C LYS A 18 -2.59 4.42 2.94
N LEU A 19 -1.76 4.87 2.00
CA LEU A 19 -1.43 6.29 1.87
C LEU A 19 -2.65 7.15 1.51
N GLN A 20 -3.65 6.58 0.81
CA GLN A 20 -4.84 7.31 0.40
C GLN A 20 -5.80 7.49 1.58
N THR A 21 -6.32 6.39 2.13
CA THR A 21 -7.30 6.41 3.21
C THR A 21 -6.68 6.90 4.53
N TYR A 22 -5.40 6.61 4.75
CA TYR A 22 -4.64 6.94 5.95
C TYR A 22 -5.23 6.27 7.20
N PRO A 23 -5.06 4.94 7.34
CA PRO A 23 -5.47 4.19 8.51
C PRO A 23 -4.38 4.28 9.60
N ARG A 24 -4.54 3.51 10.67
CA ARG A 24 -3.52 3.37 11.71
C ARG A 24 -2.29 2.67 11.11
N THR A 25 -2.47 1.44 10.62
CA THR A 25 -1.45 0.64 9.96
C THR A 25 -2.14 -0.28 8.95
N ASP A 26 -1.53 -0.45 7.77
CA ASP A 26 -2.02 -1.32 6.72
C ASP A 26 -0.85 -1.70 5.81
N VAL A 27 0.01 -2.60 6.30
CA VAL A 27 1.20 -3.08 5.61
C VAL A 27 1.25 -4.60 5.75
N GLY A 28 1.55 -5.30 4.64
CA GLY A 28 1.80 -6.72 4.63
C GLY A 28 3.10 -7.00 5.39
N ALA A 29 2.97 -7.54 6.60
CA ALA A 29 4.04 -7.73 7.58
C ALA A 29 4.56 -6.39 8.10
N GLY A 30 5.55 -6.44 9.01
CA GLY A 30 6.18 -5.25 9.57
C GLY A 30 6.91 -4.49 8.46
N THR A 31 7.97 -5.11 7.92
CA THR A 31 8.66 -4.62 6.73
C THR A 31 7.76 -4.88 5.52
N PRO A 32 7.52 -3.87 4.65
CA PRO A 32 6.71 -4.02 3.45
C PRO A 32 7.14 -5.23 2.59
N NH2 A 33 8.42 -5.29 2.20
HN1 NH2 A 33 9.06 -4.55 2.46
HN2 NH2 A 33 8.74 -6.07 1.64
C1 NAG B . -1.73 -17.85 -5.58
C2 NAG B . -2.17 -17.26 -4.24
C3 NAG B . -3.35 -18.04 -3.68
C4 NAG B . -4.48 -18.02 -4.71
C5 NAG B . -3.98 -18.55 -6.06
C6 NAG B . -5.05 -18.50 -7.15
C7 NAG B . -0.33 -18.22 -2.86
C8 NAG B . 0.76 -17.89 -1.85
N2 NAG B . -1.06 -17.19 -3.28
O3 NAG B . -3.78 -17.48 -2.45
O4 NAG B . -5.59 -18.83 -4.24
O5 NAG B . -2.83 -17.81 -6.49
O6 NAG B . -5.56 -17.20 -7.31
O7 NAG B . -0.49 -19.38 -3.23
H1 NAG B . -1.45 -18.90 -5.45
H2 NAG B . -2.51 -16.23 -4.41
H3 NAG B . -3.04 -19.08 -3.53
H4 NAG B . -4.80 -16.98 -4.84
H5 NAG B . -3.66 -19.59 -5.94
H61 NAG B . -5.86 -19.18 -6.89
H62 NAG B . -4.61 -18.84 -8.10
H81 NAG B . 1.30 -18.80 -1.55
H82 NAG B . 1.47 -17.19 -2.28
H83 NAG B . 0.31 -17.44 -0.96
HN2 NAG B . -0.84 -16.27 -2.92
HO3 NAG B . -3.05 -17.51 -1.82
HO6 NAG B . -6.24 -17.21 -7.99
C1 NAG B . -6.80 -18.18 -4.02
C2 NAG B . -7.90 -19.20 -3.72
C3 NAG B . -9.20 -18.49 -3.33
C4 NAG B . -8.93 -17.55 -2.15
C5 NAG B . -7.81 -16.58 -2.54
C6 NAG B . -7.44 -15.56 -1.45
C7 NAG B . -8.50 -19.74 -6.07
C8 NAG B . -8.66 -20.86 -7.10
N2 NAG B . -8.11 -20.10 -4.85
O3 NAG B . -10.19 -19.44 -3.00
O4 NAG B . -10.14 -16.84 -1.82
O5 NAG B . -6.63 -17.32 -2.89
O6 NAG B . -8.47 -14.61 -1.28
O7 NAG B . -8.74 -18.57 -6.40
H1 NAG B . -7.07 -17.54 -4.87
H2 NAG B . -7.57 -19.81 -2.86
H3 NAG B . -9.54 -17.88 -4.17
H4 NAG B . -8.57 -18.14 -1.29
H5 NAG B . -8.12 -16.03 -3.44
H61 NAG B . -6.53 -15.05 -1.74
H62 NAG B . -7.27 -16.10 -0.51
H81 NAG B . -9.40 -21.57 -6.75
H82 NAG B . -8.97 -20.45 -8.06
H83 NAG B . -7.70 -21.37 -7.22
HN2 NAG B . -7.94 -21.08 -4.68
HO3 NAG B . -11.00 -18.97 -2.73
HO6 NAG B . -8.61 -14.16 -2.12
C1 MAN B . -10.73 -16.94 -0.55
C2 MAN B . -11.30 -18.34 -0.24
C3 MAN B . -11.97 -18.28 1.13
C4 MAN B . -10.98 -17.79 2.19
C5 MAN B . -10.33 -16.47 1.75
C6 MAN B . -9.24 -16.02 2.74
O2 MAN B . -10.28 -19.32 -0.21
O3 MAN B . -12.49 -19.59 1.48
O4 MAN B . -11.64 -17.64 3.42
O5 MAN B . -9.76 -16.59 0.44
O6 MAN B . -9.83 -15.68 3.99
H1 MAN B . -11.56 -16.23 -0.48
H2 MAN B . -12.05 -18.59 -1.00
H3 MAN B . -12.79 -17.55 1.06
H4 MAN B . -10.19 -18.55 2.29
H5 MAN B . -11.10 -15.69 1.71
H61 MAN B . -8.72 -15.15 2.32
H62 MAN B . -8.53 -16.84 2.86
HO2 MAN B . -9.60 -19.06 0.43
HO4 MAN B . -12.34 -16.96 3.33
C1 MAN B . -13.89 -19.72 1.53
C2 MAN B . -14.47 -19.02 2.76
C3 MAN B . -14.06 -19.76 4.03
C4 MAN B . -14.47 -21.23 3.94
C5 MAN B . -13.89 -21.86 2.67
C6 MAN B . -14.33 -23.32 2.46
O2 MAN B . -15.91 -18.97 2.66
O3 MAN B . -14.62 -19.15 5.17
O4 MAN B . -14.04 -21.92 5.09
O5 MAN B . -14.29 -21.09 1.52
O6 MAN B . -13.76 -24.16 3.43
H1 MAN B . -14.33 -19.27 0.63
H2 MAN B . -14.07 -17.99 2.82
H3 MAN B . -12.96 -19.73 4.10
H4 MAN B . -15.57 -21.28 3.88
H5 MAN B . -12.79 -21.83 2.71
H61 MAN B . -13.99 -23.65 1.48
H62 MAN B . -15.41 -23.38 2.51
HO3 MAN B . -14.32 -19.63 5.97
HO4 MAN B . -14.41 -21.50 5.87
HO6 MAN B . -12.80 -24.09 3.37
C1 MAN B . -16.51 -17.71 2.88
C2 MAN B . -18.03 -17.84 2.90
C3 MAN B . -18.55 -18.22 1.51
C4 MAN B . -18.05 -17.21 0.47
C5 MAN B . -16.53 -17.08 0.53
C6 MAN B . -15.97 -16.04 -0.43
O2 MAN B . -18.61 -16.63 3.33
O3 MAN B . -19.96 -18.26 1.51
O4 MAN B . -18.45 -17.63 -0.82
O5 MAN B . -16.13 -16.75 1.87
O6 MAN B . -16.49 -14.76 -0.13
H1 MAN B . -16.18 -17.31 3.85
H2 MAN B . -18.30 -18.64 3.60
H3 MAN B . -18.15 -19.21 1.25
H4 MAN B . -18.50 -16.23 0.69
H5 MAN B . -16.08 -18.05 0.28
H61 MAN B . -16.24 -16.31 -1.46
H62 MAN B . -14.89 -16.02 -0.34
HO2 MAN B . -19.57 -16.72 3.34
HO3 MAN B . -20.31 -17.39 1.74
HO4 MAN B . -19.42 -17.71 -0.84
HO6 MAN B . -16.12 -14.13 -0.75
C1 MAN B . -8.88 -15.40 4.96
C2 MAN B . -8.48 -16.67 5.71
C3 MAN B . -9.71 -17.25 6.39
C4 MAN B . -10.34 -16.22 7.32
C5 MAN B . -10.64 -14.93 6.55
C6 MAN B . -11.18 -13.84 7.47
O2 MAN B . -7.48 -16.38 6.67
O3 MAN B . -9.36 -18.45 7.12
O4 MAN B . -11.52 -16.74 7.89
O5 MAN B . -9.45 -14.45 5.88
O6 MAN B . -10.25 -13.60 8.52
H1 MAN B . -7.99 -14.92 4.53
H2 MAN B . -8.09 -17.40 5.00
H3 MAN B . -10.44 -17.50 5.61
H4 MAN B . -9.62 -16.00 8.12
H5 MAN B . -11.40 -15.13 5.78
H61 MAN B . -12.14 -14.17 7.86
H62 MAN B . -11.33 -12.92 6.89
HO2 MAN B . -6.71 -15.99 6.23
HO4 MAN B . -11.87 -16.10 8.55
C1 MAN B . -9.60 -19.68 6.48
C2 MAN B . -11.09 -20.00 6.35
C3 MAN B . -11.70 -20.23 7.74
C4 MAN B . -10.92 -21.34 8.46
C5 MAN B . -9.43 -21.01 8.49
C6 MAN B . -8.59 -22.13 9.13
O2 MAN B . -11.27 -21.13 5.53
O3 MAN B . -13.05 -20.59 7.62
O4 MAN B . -11.42 -21.48 9.77
O5 MAN B . -8.95 -20.76 7.16
O6 MAN B . -7.23 -21.79 9.12
H1 MAN B . -9.14 -19.65 5.47
H2 MAN B . -11.61 -19.14 5.89
H3 MAN B . -11.60 -19.31 8.32
H4 MAN B . -11.06 -22.28 7.91
H5 MAN B . -9.27 -20.09 9.08
H61 MAN B . -8.74 -23.05 8.56
H62 MAN B . -8.92 -22.28 10.15
HO2 MAN B . -10.92 -20.95 4.64
HO3 MAN B . -13.13 -21.41 7.11
HO4 MAN B . -10.98 -22.22 10.21
HO6 MAN B . -6.73 -22.51 9.52
C1 MAN B . -10.76 -12.70 9.46
C2 MAN B . -9.64 -12.14 10.34
C3 MAN B . -8.99 -13.26 11.15
C4 MAN B . -10.05 -14.02 11.94
C5 MAN B . -11.16 -14.50 11.00
C6 MAN B . -12.29 -15.23 11.75
O2 MAN B . -10.15 -11.13 11.19
O3 MAN B . -8.02 -12.71 12.03
O4 MAN B . -9.46 -15.12 12.60
O5 MAN B . -11.71 -13.38 10.27
O6 MAN B . -13.26 -15.67 10.83
H1 MAN B . -11.27 -11.86 8.96
H2 MAN B . -8.87 -11.69 9.68
H3 MAN B . -8.51 -13.95 10.46
H4 MAN B . -10.49 -13.35 12.68
H5 MAN B . -10.74 -15.20 10.28
H61 MAN B . -12.75 -14.54 12.46
H62 MAN B . -11.88 -16.08 12.28
HO2 MAN B . -10.84 -11.52 11.75
HO3 MAN B . -8.45 -12.10 12.64
HO4 MAN B . -9.06 -15.72 11.93
HO6 MAN B . -13.95 -16.13 11.32
N CYS A 1 2.47 -15.41 -1.38
CA CYS A 1 3.82 -15.30 -1.95
C CYS A 1 4.43 -16.69 -2.14
N SER A 2 4.19 -17.29 -3.33
CA SER A 2 4.75 -18.56 -3.73
C SER A 2 4.81 -18.64 -5.26
N ASN A 3 5.20 -17.51 -5.88
CA ASN A 3 5.26 -17.25 -7.31
C ASN A 3 5.47 -15.75 -7.56
N LEU A 4 4.94 -14.90 -6.66
CA LEU A 4 5.02 -13.44 -6.70
C LEU A 4 4.16 -12.89 -7.84
N SER A 5 2.84 -12.98 -7.68
CA SER A 5 1.86 -12.46 -8.64
C SER A 5 0.68 -11.86 -7.86
N THR A 6 -0.16 -12.72 -7.26
CA THR A 6 -1.29 -12.29 -6.43
C THR A 6 -0.79 -11.55 -5.18
N CYS A 7 0.36 -11.98 -4.65
CA CYS A 7 1.01 -11.39 -3.49
C CYS A 7 1.50 -9.98 -3.80
N VAL A 8 2.11 -9.80 -4.99
CA VAL A 8 2.61 -8.52 -5.46
C VAL A 8 1.45 -7.55 -5.65
N LEU A 9 0.42 -7.96 -6.40
CA LEU A 9 -0.80 -7.18 -6.61
C LEU A 9 -1.45 -6.81 -5.27
N GLY A 10 -1.46 -7.75 -4.31
CA GLY A 10 -1.96 -7.53 -2.96
C GLY A 10 -1.18 -6.43 -2.24
N LYS A 11 0.15 -6.45 -2.33
CA LYS A 11 1.03 -5.48 -1.68
C LYS A 11 0.86 -4.09 -2.29
N LEU A 12 0.73 -3.99 -3.62
CA LEU A 12 0.49 -2.74 -4.32
C LEU A 12 -0.87 -2.16 -3.92
N SER A 13 -1.91 -3.00 -3.90
CA SER A 13 -3.26 -2.63 -3.49
C SER A 13 -3.28 -2.12 -2.04
N GLN A 14 -2.50 -2.76 -1.17
CA GLN A 14 -2.36 -2.35 0.22
C GLN A 14 -1.64 -1.00 0.31
N GLU A 15 -0.55 -0.81 -0.45
CA GLU A 15 0.28 0.38 -0.40
C GLU A 15 -0.49 1.62 -0.84
N LEU A 16 -1.17 1.56 -1.99
CA LEU A 16 -1.99 2.67 -2.48
C LEU A 16 -3.13 2.99 -1.53
N HIS A 17 -3.64 1.99 -0.78
CA HIS A 17 -4.66 2.22 0.23
C HIS A 17 -4.09 2.92 1.46
N LYS A 18 -2.89 2.52 1.93
CA LYS A 18 -2.26 3.12 3.10
C LYS A 18 -2.06 4.62 2.92
N LEU A 19 -1.46 5.04 1.80
CA LEU A 19 -1.24 6.45 1.52
C LEU A 19 -2.54 7.21 1.26
N GLN A 20 -3.56 6.54 0.71
CA GLN A 20 -4.87 7.13 0.43
C GLN A 20 -5.58 7.50 1.74
N THR A 21 -5.68 6.56 2.69
CA THR A 21 -6.38 6.75 3.94
C THR A 21 -5.53 7.52 4.96
N TYR A 22 -4.19 7.41 4.87
CA TYR A 22 -3.20 8.00 5.75
C TYR A 22 -3.52 7.75 7.24
N PRO A 23 -3.15 6.58 7.79
CA PRO A 23 -3.46 6.22 9.17
C PRO A 23 -2.43 6.84 10.12
N ARG A 24 -2.44 8.18 10.19
CA ARG A 24 -1.51 8.96 11.00
C ARG A 24 -2.03 9.07 12.43
N THR A 25 -1.96 7.95 13.15
CA THR A 25 -2.41 7.83 14.53
C THR A 25 -1.67 6.68 15.21
N ASP A 26 -1.44 6.81 16.52
CA ASP A 26 -0.71 5.85 17.33
C ASP A 26 -1.32 5.77 18.73
N VAL A 27 -1.15 4.62 19.38
CA VAL A 27 -1.60 4.35 20.74
C VAL A 27 -0.63 3.34 21.36
N GLY A 28 0.56 3.84 21.70
CA GLY A 28 1.69 3.01 22.08
C GLY A 28 2.20 2.26 20.85
N ALA A 29 2.60 3.03 19.82
CA ALA A 29 3.04 2.51 18.53
C ALA A 29 4.02 3.48 17.89
N GLY A 30 4.76 3.00 16.88
CA GLY A 30 5.84 3.72 16.23
C GLY A 30 5.31 4.87 15.36
N THR A 31 5.31 6.08 15.93
CA THR A 31 4.91 7.30 15.23
C THR A 31 5.88 7.65 14.08
N PRO A 32 7.22 7.55 14.24
CA PRO A 32 8.16 7.84 13.18
C PRO A 32 7.94 6.96 11.94
N NH2 A 33 8.28 7.50 10.76
HN1 NH2 A 33 8.66 8.43 10.72
HN2 NH2 A 33 8.15 6.97 9.91
C1 NAG B . 0.64 -17.71 -6.27
C2 NAG B . -0.41 -18.02 -7.34
C3 NAG B . -1.81 -17.71 -6.80
C4 NAG B . -2.04 -18.49 -5.50
C5 NAG B . -0.91 -18.21 -4.50
C6 NAG B . -1.05 -19.04 -3.21
C7 NAG B . -0.29 -17.76 -9.77
C8 NAG B . 0.09 -16.82 -10.92
N2 NAG B . -0.16 -17.26 -8.54
O3 NAG B . -2.78 -18.05 -7.76
O4 NAG B . -3.30 -18.09 -4.89
O5 NAG B . 0.36 -18.49 -5.10
O6 NAG B . 0.02 -18.79 -2.33
O7 NAG B . -0.69 -18.90 -10.01
H1 NAG B . 0.60 -16.65 -5.99
H2 NAG B . -0.37 -19.10 -7.55
H3 NAG B . -1.86 -16.64 -6.60
H4 NAG B . -2.04 -19.56 -5.73
H5 NAG B . -0.91 -17.15 -4.22
H61 NAG B . -1.06 -20.11 -3.48
H62 NAG B . -1.98 -18.78 -2.72
H81 NAG B . -0.09 -17.31 -11.88
H82 NAG B . -0.50 -15.91 -10.87
H83 NAG B . 1.15 -16.57 -10.85
HN2 NAG B . 0.18 -16.31 -8.42
HO3 NAG B . -2.61 -17.55 -8.58
HO6 NAG B . 0.82 -19.14 -2.73
C1 NAG B . -4.34 -19.02 -4.76
C2 NAG B . -4.97 -19.36 -6.12
C3 NAG B . -6.00 -20.47 -5.99
C4 NAG B . -5.31 -21.68 -5.34
C5 NAG B . -4.76 -21.26 -3.97
C6 NAG B . -4.08 -22.41 -3.22
C7 NAG B . -6.53 -17.43 -6.25
C8 NAG B . -6.94 -16.23 -7.09
N2 NAG B . -5.53 -18.18 -6.75
O3 NAG B . -6.51 -20.82 -7.26
O4 NAG B . -6.25 -22.78 -5.22
O5 NAG B . -3.80 -20.21 -4.15
O6 NAG B . -5.02 -23.30 -2.66
O7 NAG B . -7.11 -17.67 -5.20
H1 NAG B . -5.12 -18.63 -4.10
H2 NAG B . -4.17 -19.75 -6.77
H3 NAG B . -6.81 -20.15 -5.33
H4 NAG B . -4.47 -21.95 -5.98
H5 NAG B . -5.57 -20.87 -3.34
H61 NAG B . -3.48 -21.98 -2.40
H62 NAG B . -3.41 -22.95 -3.89
H81 NAG B . -7.28 -16.56 -8.07
H82 NAG B . -7.76 -15.69 -6.60
H83 NAG B . -6.09 -15.56 -7.21
HN2 NAG B . -5.14 -17.91 -7.63
HO3 NAG B . -6.95 -20.04 -7.65
HO6 NAG B . -5.49 -23.73 -3.37
C1 MAN B . -6.22 -23.76 -6.22
C2 MAN B . -4.92 -24.57 -6.20
C3 MAN B . -4.96 -25.52 -7.39
C4 MAN B . -6.21 -26.39 -7.33
C5 MAN B . -7.51 -25.60 -7.05
C6 MAN B . -8.63 -26.55 -6.64
O2 MAN B . -4.80 -25.30 -5.00
O3 MAN B . -3.79 -26.36 -7.44
O4 MAN B . -6.31 -27.09 -8.56
O5 MAN B . -7.33 -24.64 -6.00
O6 MAN B . -8.82 -27.55 -7.64
H1 MAN B . -6.34 -23.30 -7.21
H2 MAN B . -4.07 -23.89 -6.31
H3 MAN B . -5.02 -24.91 -8.31
H4 MAN B . -6.07 -27.10 -6.51
H5 MAN B . -7.80 -25.06 -7.96
H61 MAN B . -9.56 -26.01 -6.49
H62 MAN B . -8.33 -27.02 -5.70
HO2 MAN B . -4.00 -25.83 -5.02
HO4 MAN B . -5.49 -27.59 -8.70
C1 MAN B . -2.51 -25.79 -7.25
C2 MAN B . -2.20 -24.67 -8.26
C3 MAN B . -1.93 -25.24 -9.65
C4 MAN B . -0.96 -26.43 -9.66
C5 MAN B . -1.37 -27.46 -8.59
C6 MAN B . -0.36 -28.60 -8.45
O2 MAN B . -1.19 -23.77 -7.74
O3 MAN B . -1.47 -24.22 -10.52
O4 MAN B . -0.98 -27.02 -10.94
O5 MAN B . -1.50 -26.80 -7.32
O6 MAN B . -0.33 -29.42 -9.61
H1 MAN B . -2.43 -25.40 -6.22
H2 MAN B . -3.12 -24.06 -8.35
H3 MAN B . -2.89 -25.60 -10.04
H4 MAN B . 0.05 -26.08 -9.45
H5 MAN B . -2.35 -27.88 -8.85
H61 MAN B . -0.65 -29.23 -7.60
H62 MAN B . 0.63 -28.19 -8.27
HO3 MAN B . -2.10 -23.48 -10.50
HO4 MAN B . -0.29 -27.70 -11.00
HO6 MAN B . -1.23 -29.73 -9.78
C1 MAN B . 0.18 -24.15 -7.69
C2 MAN B . 0.87 -23.36 -6.56
C3 MAN B . 0.92 -21.87 -6.90
C4 MAN B . 1.60 -21.66 -8.25
C5 MAN B . 0.90 -22.51 -9.32
C6 MAN B . 1.56 -22.42 -10.70
O2 MAN B . 2.17 -23.87 -6.36
O3 MAN B . 1.61 -21.18 -5.88
O4 MAN B . 1.59 -20.31 -8.59
O5 MAN B . 0.86 -23.88 -8.92
O6 MAN B . 1.35 -21.14 -11.28
H1 MAN B . 0.28 -25.21 -7.44
H2 MAN B . 0.28 -23.50 -5.64
H3 MAN B . -0.11 -21.50 -6.97
H4 MAN B . 2.65 -22.01 -8.17
H5 MAN B . -0.15 -22.16 -9.42
H61 MAN B . 1.12 -23.17 -11.35
H62 MAN B . 2.63 -22.60 -10.60
HO2 MAN B . 2.60 -23.36 -5.65
HO3 MAN B . 1.55 -20.22 -6.05
HO4 MAN B . 2.10 -20.17 -9.41
HO6 MAN B . 1.77 -21.13 -12.15
C1 MAN B . -9.60 -28.62 -7.21
C2 MAN B . -8.75 -29.64 -6.44
C3 MAN B . -7.65 -30.12 -7.37
C4 MAN B . -8.26 -30.76 -8.61
C5 MAN B . -9.22 -29.76 -9.30
C6 MAN B . -9.96 -30.39 -10.47
O2 MAN B . -9.56 -30.72 -6.01
O3 MAN B . -6.77 -31.05 -6.70
O4 MAN B . -7.24 -31.15 -9.51
O5 MAN B . -10.18 -29.25 -8.36
O6 MAN B . -10.70 -31.53 -10.01
H1 MAN B . -10.42 -28.27 -6.56
H2 MAN B . -8.29 -29.16 -5.57
H3 MAN B . -7.08 -29.24 -7.69
H4 MAN B . -8.84 -31.65 -8.30
H5 MAN B . -8.63 -28.91 -9.67
H61 MAN B . -9.22 -30.71 -11.22
H62 MAN B . -10.62 -29.66 -10.91
HO2 MAN B . -10.26 -30.39 -5.43
HO4 MAN B . -6.72 -30.37 -9.76
C1 MAN B . -5.59 -30.50 -6.14
C2 MAN B . -4.60 -30.03 -7.20
C3 MAN B . -4.04 -31.24 -7.96
C4 MAN B . -3.43 -32.25 -6.98
C5 MAN B . -4.46 -32.62 -5.90
C6 MAN B . -3.85 -33.55 -4.84
O2 MAN B . -3.54 -29.31 -6.59
O3 MAN B . -3.08 -30.82 -8.90
O4 MAN B . -3.03 -33.40 -7.68
O5 MAN B . -4.95 -31.44 -5.26
O6 MAN B . -4.82 -33.88 -3.87
H1 MAN B . -5.86 -29.64 -5.50
H2 MAN B . -5.10 -29.38 -7.92
H3 MAN B . -4.88 -31.73 -8.49
H4 MAN B . -2.57 -31.79 -6.49
H5 MAN B . -5.31 -33.13 -6.37
H61 MAN B . -3.01 -33.06 -4.37
H62 MAN B . -3.52 -34.47 -5.33
HO2 MAN B . -3.10 -29.88 -5.94
HO3 MAN B . -2.35 -30.37 -8.44
HO4 MAN B . -2.38 -33.15 -8.37
HO6 MAN B . -4.42 -34.46 -3.22
C1 MAN B . -11.34 -32.18 -11.07
C2 MAN B . -12.48 -33.05 -10.55
C3 MAN B . -11.93 -34.16 -9.65
C4 MAN B . -10.86 -34.95 -10.39
C5 MAN B . -9.78 -34.01 -10.94
C6 MAN B . -8.70 -34.74 -11.75
O2 MAN B . -13.19 -33.61 -11.64
O3 MAN B . -12.97 -35.01 -9.23
O4 MAN B . -10.28 -35.90 -9.51
O5 MAN B . -10.37 -32.99 -11.75
O6 MAN B . -9.28 -35.39 -12.87
H1 MAN B . -11.75 -31.46 -11.79
H2 MAN B . -13.16 -32.42 -9.95
H3 MAN B . -11.47 -33.70 -8.77
H4 MAN B . -11.32 -35.47 -11.24
H5 MAN B . -9.28 -33.51 -10.09
H61 MAN B . -8.21 -35.48 -11.12
H62 MAN B . -7.96 -34.01 -12.09
HO2 MAN B . -13.53 -32.90 -12.19
HO3 MAN B . -12.60 -35.71 -8.66
HO4 MAN B . -10.97 -36.50 -9.19
HO6 MAN B . -8.58 -35.83 -13.36
N CYS A 1 3.00 -15.15 -1.23
CA CYS A 1 4.25 -15.12 -2.02
C CYS A 1 4.79 -16.53 -2.25
N SER A 2 5.73 -16.64 -3.19
CA SER A 2 6.10 -17.85 -3.94
C SER A 2 5.29 -17.91 -5.24
N ASN A 3 4.00 -17.51 -5.15
CA ASN A 3 3.16 -17.21 -6.30
C ASN A 3 3.77 -16.08 -7.12
N LEU A 4 4.09 -14.95 -6.46
CA LEU A 4 4.73 -13.78 -7.04
C LEU A 4 3.91 -13.20 -8.20
N SER A 5 2.62 -12.94 -7.96
CA SER A 5 1.72 -12.26 -8.88
C SER A 5 0.53 -11.75 -8.08
N THR A 6 -0.15 -12.65 -7.37
CA THR A 6 -1.20 -12.32 -6.42
C THR A 6 -0.61 -11.59 -5.20
N CYS A 7 0.57 -12.02 -4.74
CA CYS A 7 1.26 -11.45 -3.60
C CYS A 7 1.64 -9.99 -3.86
N VAL A 8 2.35 -9.73 -4.97
CA VAL A 8 2.82 -8.40 -5.33
C VAL A 8 1.64 -7.45 -5.62
N LEU A 9 0.57 -7.97 -6.26
CA LEU A 9 -0.65 -7.24 -6.49
C LEU A 9 -1.30 -6.82 -5.16
N GLY A 10 -1.38 -7.76 -4.21
CA GLY A 10 -1.88 -7.49 -2.87
C GLY A 10 -1.05 -6.42 -2.15
N LYS A 11 0.28 -6.51 -2.27
CA LYS A 11 1.21 -5.60 -1.62
C LYS A 11 1.02 -4.17 -2.11
N LEU A 12 1.09 -3.94 -3.43
CA LEU A 12 0.97 -2.60 -4.00
C LEU A 12 -0.43 -2.04 -3.80
N SER A 13 -1.48 -2.89 -3.88
CA SER A 13 -2.84 -2.48 -3.63
C SER A 13 -3.00 -1.94 -2.20
N GLN A 14 -2.50 -2.71 -1.22
CA GLN A 14 -2.51 -2.34 0.18
C GLN A 14 -1.73 -1.04 0.42
N GLU A 15 -0.57 -0.89 -0.22
CA GLU A 15 0.30 0.26 -0.04
C GLU A 15 -0.36 1.54 -0.52
N LEU A 16 -0.88 1.55 -1.75
CA LEU A 16 -1.57 2.70 -2.34
C LEU A 16 -2.87 3.01 -1.58
N HIS A 17 -3.58 1.99 -1.10
CA HIS A 17 -4.78 2.15 -0.28
C HIS A 17 -4.45 2.84 1.05
N LYS A 18 -3.35 2.41 1.69
CA LYS A 18 -2.87 2.95 2.96
C LYS A 18 -2.50 4.42 2.81
N LEU A 19 -1.73 4.74 1.76
CA LEU A 19 -1.30 6.10 1.46
C LEU A 19 -2.50 6.93 1.00
N GLN A 20 -2.90 6.77 -0.26
CA GLN A 20 -4.06 7.39 -0.91
C GLN A 20 -3.93 8.90 -0.96
N THR A 21 -4.23 9.60 0.15
CA THR A 21 -4.05 11.03 0.29
C THR A 21 -2.60 11.32 0.71
N TYR A 22 -2.13 10.63 1.76
CA TYR A 22 -0.81 10.77 2.36
C TYR A 22 -0.38 12.23 2.54
N PRO A 23 -1.01 12.98 3.46
CA PRO A 23 -0.61 14.34 3.77
C PRO A 23 0.79 14.33 4.39
N ARG A 24 1.04 13.43 5.35
CA ARG A 24 2.36 13.13 5.86
C ARG A 24 3.20 12.52 4.72
N THR A 25 4.42 13.04 4.56
CA THR A 25 5.42 12.48 3.66
C THR A 25 6.81 12.77 4.24
N ASP A 26 7.69 11.76 4.23
CA ASP A 26 9.07 11.80 4.67
C ASP A 26 9.19 11.95 6.19
N VAL A 27 8.98 13.18 6.70
CA VAL A 27 9.13 13.55 8.10
C VAL A 27 7.89 14.31 8.59
N GLY A 28 7.28 15.12 7.71
CA GLY A 28 6.11 15.91 8.02
C GLY A 28 5.52 16.44 6.71
N ALA A 29 5.57 17.77 6.52
CA ALA A 29 5.16 18.46 5.30
C ALA A 29 3.76 18.05 4.87
N GLY A 30 2.74 18.64 5.50
CA GLY A 30 1.33 18.35 5.27
C GLY A 30 0.90 18.75 3.86
N THR A 31 1.12 17.84 2.90
CA THR A 31 0.88 18.03 1.48
C THR A 31 0.56 16.67 0.87
N PRO A 32 -0.58 16.50 0.19
CA PRO A 32 -1.02 15.21 -0.34
C PRO A 32 -0.21 14.82 -1.58
N NH2 A 33 -0.19 13.52 -1.89
HN1 NH2 A 33 -0.70 12.86 -1.31
HN2 NH2 A 33 0.32 13.21 -2.69
C1 NAG B . -1.15 -17.41 -8.19
C2 NAG B . -0.92 -18.51 -9.23
C3 NAG B . -2.00 -18.42 -10.31
C4 NAG B . -3.41 -18.42 -9.68
C5 NAG B . -3.52 -17.38 -8.56
C6 NAG B . -4.86 -17.46 -7.82
C7 NAG B . 1.49 -18.99 -9.45
C8 NAG B . 2.76 -18.71 -10.23
N2 NAG B . 0.39 -18.36 -9.86
O3 NAG B . -1.88 -19.51 -11.20
O4 NAG B . -4.45 -18.19 -10.65
O5 NAG B . -2.45 -17.55 -7.62
O6 NAG B . -5.04 -18.73 -7.24
O7 NAG B . 1.51 -19.77 -8.49
H1 NAG B . -1.08 -16.44 -8.69
H2 NAG B . -1.01 -19.48 -8.73
H3 NAG B . -1.84 -17.48 -10.85
H4 NAG B . -3.55 -19.41 -9.22
H5 NAG B . -3.42 -16.38 -8.98
H61 NAG B . -5.67 -17.27 -8.52
H62 NAG B . -4.89 -16.71 -7.04
H81 NAG B . 2.72 -19.22 -11.19
H82 NAG B . 2.87 -17.64 -10.39
H83 NAG B . 3.63 -19.07 -9.67
HN2 NAG B . 0.45 -17.74 -10.65
HO3 NAG B . -2.00 -20.34 -10.72
HO6 NAG B . -5.88 -18.75 -6.79
C1 NAG B . -4.21 -17.43 -11.79
C2 NAG B . -5.50 -17.27 -12.62
C3 NAG B . -5.19 -16.37 -13.82
C4 NAG B . -4.59 -15.04 -13.37
C5 NAG B . -3.36 -15.32 -12.49
C6 NAG B . -2.66 -14.08 -11.93
C7 NAG B . -6.87 -19.29 -12.38
C8 NAG B . -7.27 -20.63 -12.98
N2 NAG B . -5.98 -18.57 -13.07
O3 NAG B . -6.36 -16.16 -14.57
O4 NAG B . -4.27 -14.27 -14.55
O5 NAG B . -3.75 -16.15 -11.39
O6 NAG B . -1.77 -14.43 -10.89
O7 NAG B . -7.38 -18.91 -11.32
H1 NAG B . -3.43 -17.89 -12.41
H2 NAG B . -6.24 -16.77 -11.99
H3 NAG B . -4.45 -16.89 -14.45
H4 NAG B . -5.33 -14.52 -12.76
H5 NAG B . -2.62 -15.90 -13.07
H61 NAG B . -3.41 -13.38 -11.55
H62 NAG B . -2.07 -13.61 -12.73
H81 NAG B . -7.62 -20.48 -14.00
H82 NAG B . -6.39 -21.29 -12.99
H83 NAG B . -8.06 -21.08 -12.39
HN2 NAG B . -5.60 -18.93 -13.93
HO3 NAG B . -6.16 -15.56 -15.32
HO6 NAG B . -1.29 -13.65 -10.62
C1 MAN B . -4.25 -12.86 -14.50
C2 MAN B . -4.15 -12.29 -15.90
C3 MAN B . -4.22 -10.76 -15.84
C4 MAN B . -5.44 -10.30 -15.05
C5 MAN B . -5.45 -10.99 -13.69
C6 MAN B . -6.66 -10.59 -12.83
O2 MAN B . -5.19 -12.78 -16.72
O3 MAN B . -4.25 -10.20 -17.18
O4 MAN B . -5.42 -8.89 -14.90
O5 MAN B . -5.44 -12.41 -13.86
O6 MAN B . -6.57 -11.30 -11.59
H1 MAN B . -3.41 -12.51 -13.89
H2 MAN B . -3.17 -12.57 -16.33
H3 MAN B . -3.32 -10.40 -15.31
H4 MAN B . -6.34 -10.60 -15.61
H5 MAN B . -4.54 -10.71 -13.14
H61 MAN B . -7.57 -10.86 -13.34
H62 MAN B . -6.63 -9.52 -12.64
HO2 MAN B . -5.12 -12.40 -17.60
HO4 MAN B . -4.61 -8.63 -14.42
C1 MAN B . -3.06 -9.62 -17.65
C2 MAN B . -3.32 -8.85 -18.94
C3 MAN B . -3.70 -9.82 -20.06
C4 MAN B . -2.61 -10.87 -20.23
C5 MAN B . -2.34 -11.57 -18.89
C6 MAN B . -1.20 -12.59 -18.97
O2 MAN B . -2.14 -8.11 -19.31
O3 MAN B . -3.89 -9.12 -21.27
O4 MAN B . -3.01 -11.82 -21.20
O5 MAN B . -2.03 -10.60 -17.88
O6 MAN B . 0.01 -11.95 -19.35
H1 MAN B . -2.67 -8.91 -16.90
H2 MAN B . -4.16 -8.17 -18.77
H3 MAN B . -4.64 -10.32 -19.78
H4 MAN B . -1.70 -10.37 -20.56
H5 MAN B . -3.25 -12.11 -18.58
H61 MAN B . -1.45 -13.36 -19.71
H62 MAN B . -1.07 -13.05 -18.00
HO3 MAN B . -3.06 -8.71 -21.54
HO4 MAN B . -3.19 -11.37 -22.04
HO6 MAN B . 0.70 -12.62 -19.38
C1 MAN B . -2.14 -6.72 -19.03
C2 MAN B . -3.01 -5.95 -20.04
C3 MAN B . -2.33 -5.98 -21.42
C4 MAN B . -0.90 -5.47 -21.34
C5 MAN B . -0.12 -6.24 -20.26
C6 MAN B . 1.30 -5.70 -20.07
O2 MAN B . -3.17 -4.62 -19.61
O3 MAN B . -3.07 -5.19 -22.34
O4 MAN B . -0.27 -5.59 -22.59
O5 MAN B . -0.82 -6.18 -19.01
O6 MAN B . 1.97 -6.43 -19.06
H1 MAN B . -2.56 -6.55 -18.03
H2 MAN B . -3.99 -6.44 -20.12
H3 MAN B . -2.30 -7.02 -21.77
H4 MAN B . -0.92 -4.40 -21.05
H5 MAN B . -0.06 -7.29 -20.55
H61 MAN B . 1.24 -4.65 -19.78
H62 MAN B . 1.85 -5.79 -21.00
HO2 MAN B . -2.31 -4.19 -19.52
HO3 MAN B . -3.99 -5.54 -22.38
HO4 MAN B . 0.63 -5.21 -22.54
HO6 MAN B . 2.86 -6.07 -18.96
C1 MAN B . -7.63 -10.98 -10.74
C2 MAN B . -7.11 -10.41 -9.42
C3 MAN B . -6.31 -11.46 -8.65
C4 MAN B . -7.10 -12.77 -8.50
C5 MAN B . -7.60 -13.22 -9.87
C6 MAN B . -8.44 -14.51 -9.80
O2 MAN B . -8.20 -9.94 -8.66
O3 MAN B . -5.84 -10.93 -7.39
O4 MAN B . -6.28 -13.77 -7.93
O5 MAN B . -8.37 -12.18 -10.48
O6 MAN B . -9.23 -14.70 -10.99
H1 MAN B . -8.31 -10.26 -11.20
H2 MAN B . -6.44 -9.56 -9.65
H3 MAN B . -5.43 -11.71 -9.25
H4 MAN B . -7.97 -12.58 -7.85
H5 MAN B . -6.73 -13.42 -10.51
H61 MAN B . -9.13 -14.43 -8.95
H62 MAN B . -7.78 -15.37 -9.65
HO2 MAN B . -8.69 -9.26 -9.18
HO4 MAN B . -5.51 -13.92 -8.50
C1 MAN B . -6.68 -10.91 -6.25
C2 MAN B . -6.20 -9.81 -5.30
C3 MAN B . -4.84 -10.16 -4.69
C4 MAN B . -4.94 -11.52 -3.99
C5 MAN B . -5.43 -12.57 -5.00
C6 MAN B . -5.57 -13.96 -4.37
O2 MAN B . -7.16 -9.62 -4.27
O3 MAN B . -4.44 -9.17 -3.78
O4 MAN B . -3.67 -11.87 -3.47
O5 MAN B . -6.69 -12.16 -5.54
O6 MAN B . -6.51 -13.95 -3.32
H1 MAN B . -7.71 -10.68 -6.52
H2 MAN B . -6.10 -8.88 -5.87
H3 MAN B . -4.10 -10.24 -5.50
H4 MAN B . -5.66 -11.44 -3.18
H5 MAN B . -4.71 -12.63 -5.83
H61 MAN B . -4.61 -14.30 -3.99
H62 MAN B . -5.92 -14.66 -5.14
HO2 MAN B . -8.01 -9.38 -4.67
HO3 MAN B . -5.10 -9.10 -3.06
HO4 MAN B . -3.36 -11.17 -2.88
HO6 MAN B . -7.36 -13.65 -3.67
C1 MAN B . -8.45 -14.86 -12.14
C2 MAN B . -8.82 -13.83 -13.21
C3 MAN B . -10.25 -14.06 -13.69
C4 MAN B . -10.41 -15.50 -14.17
C5 MAN B . -9.98 -16.48 -13.06
C6 MAN B . -10.06 -17.94 -13.52
O2 MAN B . -7.93 -13.90 -14.30
O3 MAN B . -10.57 -13.16 -14.73
O4 MAN B . -11.75 -15.74 -14.54
O5 MAN B . -8.64 -16.19 -12.63
O6 MAN B . -9.18 -18.17 -14.61
H1 MAN B . -7.37 -14.77 -11.92
H2 MAN B . -8.77 -12.83 -12.77
H3 MAN B . -10.94 -13.90 -12.84
H4 MAN B . -9.75 -15.65 -15.04
H5 MAN B . -10.64 -16.35 -12.20
H61 MAN B . -11.07 -18.18 -13.81
H62 MAN B . -9.77 -18.58 -12.69
HO2 MAN B . -7.02 -13.87 -13.97
HO3 MAN B . -9.95 -13.30 -15.47
HO4 MAN B . -11.83 -16.63 -14.91
HO6 MAN B . -8.29 -17.96 -14.33
N CYS A 1 0.10 -16.76 -1.07
CA CYS A 1 1.30 -16.15 -1.67
C CYS A 1 2.06 -17.18 -2.51
N SER A 2 1.48 -17.56 -3.67
CA SER A 2 2.02 -18.51 -4.64
C SER A 2 3.47 -18.15 -5.00
N ASN A 3 3.68 -17.25 -5.98
CA ASN A 3 4.83 -16.35 -6.01
C ASN A 3 4.87 -15.41 -7.22
N LEU A 4 5.43 -14.22 -6.99
CA LEU A 4 5.78 -13.19 -7.98
C LEU A 4 4.63 -12.83 -8.90
N SER A 5 3.53 -12.34 -8.31
CA SER A 5 2.31 -11.87 -8.96
C SER A 5 1.27 -11.70 -7.85
N THR A 6 0.98 -12.82 -7.18
CA THR A 6 0.16 -12.96 -5.98
C THR A 6 0.38 -11.84 -4.96
N CYS A 7 1.65 -11.59 -4.64
CA CYS A 7 2.10 -10.74 -3.55
C CYS A 7 2.76 -9.47 -4.08
N VAL A 8 2.98 -9.36 -5.40
CA VAL A 8 3.24 -8.08 -6.05
C VAL A 8 1.95 -7.26 -5.98
N LEU A 9 0.84 -7.85 -6.43
CA LEU A 9 -0.52 -7.33 -6.28
C LEU A 9 -0.83 -7.09 -4.79
N GLY A 10 -0.40 -8.01 -3.92
CA GLY A 10 -0.52 -7.85 -2.48
C GLY A 10 0.12 -6.56 -1.98
N LYS A 11 1.38 -6.31 -2.38
CA LYS A 11 2.14 -5.13 -1.99
C LYS A 11 1.41 -3.87 -2.47
N LEU A 12 1.08 -3.80 -3.76
CA LEU A 12 0.36 -2.70 -4.38
C LEU A 12 -0.95 -2.39 -3.66
N SER A 13 -1.67 -3.43 -3.21
CA SER A 13 -2.89 -3.26 -2.43
C SER A 13 -2.63 -2.45 -1.16
N GLN A 14 -1.55 -2.75 -0.44
CA GLN A 14 -1.15 -2.00 0.75
C GLN A 14 -0.80 -0.55 0.43
N GLU A 15 -0.19 -0.28 -0.73
CA GLU A 15 0.11 1.09 -1.15
C GLU A 15 -1.18 1.88 -1.38
N LEU A 16 -2.16 1.29 -2.06
CA LEU A 16 -3.47 1.88 -2.29
C LEU A 16 -4.18 2.18 -0.96
N HIS A 17 -4.12 1.24 0.00
CA HIS A 17 -4.70 1.43 1.33
C HIS A 17 -4.02 2.60 2.05
N LYS A 18 -2.69 2.67 2.00
CA LYS A 18 -1.87 3.66 2.69
C LYS A 18 -2.24 5.08 2.26
N LEU A 19 -2.23 5.35 0.95
CA LEU A 19 -2.56 6.66 0.41
C LEU A 19 -4.04 7.00 0.56
N GLN A 20 -4.92 5.98 0.54
CA GLN A 20 -6.37 6.16 0.71
C GLN A 20 -6.68 6.71 2.11
N THR A 21 -6.17 6.04 3.15
CA THR A 21 -6.42 6.44 4.53
C THR A 21 -5.60 7.68 4.93
N TYR A 22 -4.38 7.81 4.39
CA TYR A 22 -3.38 8.83 4.71
C TYR A 22 -3.20 9.00 6.22
N PRO A 23 -2.28 8.27 6.86
CA PRO A 23 -2.03 8.41 8.30
C PRO A 23 -1.48 9.80 8.61
N ARG A 24 -0.57 10.30 7.76
CA ARG A 24 -0.13 11.69 7.72
C ARG A 24 0.53 12.10 9.04
N THR A 25 1.82 11.76 9.20
CA THR A 25 2.62 12.13 10.36
C THR A 25 3.28 13.50 10.11
N ASP A 26 2.46 14.47 9.68
CA ASP A 26 2.85 15.84 9.39
C ASP A 26 1.57 16.63 9.11
N VAL A 27 0.76 16.85 10.15
CA VAL A 27 -0.53 17.51 10.04
C VAL A 27 -0.32 19.03 10.14
N GLY A 28 -0.10 19.69 9.00
CA GLY A 28 0.08 21.13 8.93
C GLY A 28 -1.29 21.82 8.94
N ALA A 29 -1.69 22.36 7.78
CA ALA A 29 -3.02 22.91 7.58
C ALA A 29 -3.96 21.79 7.14
N GLY A 30 -4.12 20.78 8.01
CA GLY A 30 -4.65 19.48 7.64
C GLY A 30 -3.61 18.78 6.78
N THR A 31 -3.70 18.95 5.46
CA THR A 31 -2.65 18.62 4.51
C THR A 31 -1.58 19.72 4.61
N PRO A 32 -0.29 19.37 4.78
CA PRO A 32 0.78 20.33 4.97
C PRO A 32 1.13 21.03 3.64
N NH2 A 33 1.74 22.22 3.73
HN1 NH2 A 33 1.99 22.72 2.90
HN2 NH2 A 33 1.93 22.61 4.65
C1 NAG B . 6.99 -14.49 -3.27
C2 NAG B . 8.20 -14.46 -2.35
C3 NAG B . 7.86 -13.53 -1.18
C4 NAG B . 7.55 -12.12 -1.70
C5 NAG B . 6.47 -12.17 -2.78
C6 NAG B . 6.30 -10.83 -3.49
C7 NAG B . 9.50 -16.55 -2.32
C8 NAG B . 9.70 -17.91 -1.66
N2 NAG B . 8.52 -15.79 -1.83
O3 NAG B . 8.93 -13.47 -0.26
O4 NAG B . 7.11 -11.31 -0.59
O5 NAG B . 6.76 -13.17 -3.76
O6 NAG B . 5.49 -10.95 -4.63
O7 NAG B . 10.23 -16.20 -3.25
H1 NAG B . 6.09 -14.80 -2.71
H2 NAG B . 9.03 -14.04 -2.91
H3 NAG B . 6.95 -13.92 -0.70
H4 NAG B . 8.47 -11.71 -2.15
H5 NAG B . 5.52 -12.46 -2.31
H61 NAG B . 7.28 -10.46 -3.80
H62 NAG B . 5.85 -10.10 -2.81
H81 NAG B . 8.78 -18.49 -1.75
H82 NAG B . 10.51 -18.44 -2.13
H83 NAG B . 9.93 -17.76 -0.60
HN2 NAG B . 7.96 -16.13 -1.07
HO3 NAG B . 9.71 -13.11 -0.70
HO6 NAG B . 5.91 -11.55 -5.24
C1 NAG B . 7.63 -10.02 -0.46
C2 NAG B . 7.05 -9.33 0.78
C3 NAG B . 7.67 -7.95 0.94
C4 NAG B . 9.20 -8.07 0.97
C5 NAG B . 9.71 -8.86 -0.25
C6 NAG B . 11.22 -9.07 -0.20
C7 NAG B . 4.87 -8.61 -0.18
C8 NAG B . 3.36 -8.62 0.04
N2 NAG B . 5.59 -9.26 0.73
O3 NAG B . 7.22 -7.33 2.12
O4 NAG B . 9.80 -6.76 1.00
O5 NAG B . 9.05 -10.13 -0.32
O6 NAG B . 11.65 -9.83 -1.31
O7 NAG B . 5.35 -8.01 -1.14
H1 NAG B . 7.45 -9.43 -1.37
H2 NAG B . 7.33 -9.93 1.65
H3 NAG B . 7.40 -7.32 0.06
H4 NAG B . 9.47 -8.64 1.87
H5 NAG B . 9.46 -8.31 -1.17
H61 NAG B . 11.48 -9.60 0.71
H62 NAG B . 11.72 -8.11 -0.21
H81 NAG B . 3.12 -8.28 1.05
H82 NAG B . 2.86 -7.97 -0.67
H83 NAG B . 2.97 -9.64 -0.09
HN2 NAG B . 5.10 -9.73 1.47
HO3 NAG B . 7.66 -6.47 2.22
HO6 NAG B . 12.60 -9.93 -1.26
C1 MAN B . 10.67 -6.49 2.06
C2 MAN B . 11.40 -5.17 1.83
C3 MAN B . 12.31 -4.91 3.01
C4 MAN B . 11.51 -4.94 4.31
C5 MAN B . 10.69 -6.23 4.43
C6 MAN B . 9.80 -6.18 5.68
O2 MAN B . 10.47 -4.11 1.67
O3 MAN B . 12.96 -3.62 2.88
O4 MAN B . 12.38 -4.80 5.42
O5 MAN B . 9.88 -6.40 3.26
O6 MAN B . 10.63 -6.39 6.82
H1 MAN B . 11.39 -7.30 2.19
H2 MAN B . 12.01 -5.26 0.92
H3 MAN B . 13.05 -5.71 3.05
H4 MAN B . 10.81 -4.09 4.29
H5 MAN B . 11.36 -7.09 4.50
H61 MAN B . 9.04 -6.96 5.63
H62 MAN B . 9.32 -5.20 5.72
HO2 MAN B . 9.91 -4.06 2.46
HO4 MAN B . 11.85 -4.66 6.22
C1 MAN B . 14.36 -3.64 2.64
C2 MAN B . 15.13 -4.18 3.86
C3 MAN B . 15.11 -3.16 5.00
C4 MAN B . 15.60 -1.79 4.52
C5 MAN B . 14.79 -1.36 3.31
C6 MAN B . 15.26 -0.01 2.74
O2 MAN B . 16.47 -4.50 3.47
O3 MAN B . 15.90 -3.61 6.08
O4 MAN B . 15.48 -0.86 5.56
O5 MAN B . 14.86 -2.36 2.28
O6 MAN B . 16.60 -0.08 2.32
H1 MAN B . 14.56 -4.28 1.78
H2 MAN B . 14.63 -5.09 4.23
H3 MAN B . 14.08 -3.04 5.32
H4 MAN B . 16.67 -1.89 4.23
H5 MAN B . 13.73 -1.26 3.60
H61 MAN B . 15.15 0.76 3.49
H62 MAN B . 14.63 0.24 1.88
HO3 MAN B . 16.81 -3.73 5.79
HO4 MAN B . 14.56 -0.83 5.87
HO6 MAN B . 16.86 0.77 1.97
C1 MAN B . 16.97 -5.75 3.91
C2 MAN B . 18.40 -5.96 3.43
C3 MAN B . 18.44 -6.11 1.91
C4 MAN B . 17.49 -7.22 1.45
C5 MAN B . 16.08 -7.00 2.03
C6 MAN B . 15.11 -8.13 1.70
O2 MAN B . 18.96 -7.10 4.04
O3 MAN B . 19.74 -6.37 1.46
O4 MAN B . 17.45 -7.26 0.04
O5 MAN B . 16.16 -6.85 3.45
O6 MAN B . 14.77 -8.14 0.34
H1 MAN B . 16.96 -5.79 5.00
H2 MAN B . 19.00 -5.07 3.71
H3 MAN B . 18.09 -5.16 1.46
H4 MAN B . 17.87 -8.18 1.83
H5 MAN B . 15.68 -6.07 1.61
H61 MAN B . 14.19 -7.97 2.28
H62 MAN B . 15.54 -9.09 1.98
HO2 MAN B . 18.42 -7.88 3.81
HO3 MAN B . 20.06 -7.20 1.87
HO4 MAN B . 18.35 -7.40 -0.30
HO6 MAN B . 14.14 -8.84 0.18
C1 MAN B . 9.97 -6.07 8.02
C2 MAN B . 10.59 -4.80 8.60
C3 MAN B . 12.04 -5.08 8.94
C4 MAN B . 12.12 -6.24 9.92
C5 MAN B . 11.45 -7.48 9.31
C6 MAN B . 11.48 -8.75 10.17
O2 MAN B . 9.87 -4.40 9.76
O3 MAN B . 12.68 -3.90 9.49
O4 MAN B . 13.48 -6.52 10.22
O5 MAN B . 10.10 -7.18 8.92
O6 MAN B . 10.35 -8.87 11.04
H1 MAN B . 8.90 -5.91 7.84
H2 MAN B . 10.54 -4.01 7.84
H3 MAN B . 12.56 -5.38 8.02
H4 MAN B . 11.60 -5.96 10.84
H5 MAN B . 12.00 -7.71 8.38
H61 MAN B . 12.41 -8.82 10.74
H62 MAN B . 11.45 -9.59 9.48
HO2 MAN B . 10.30 -3.60 10.13
HO4 MAN B . 13.94 -6.75 9.40
C1 MAN B . 13.65 -3.33 8.64
C2 MAN B . 14.50 -2.31 9.42
C3 MAN B . 13.64 -1.09 9.78
C4 MAN B . 12.99 -0.50 8.53
C5 MAN B . 12.21 -1.58 7.78
C6 MAN B . 11.63 -1.06 6.47
O2 MAN B . 15.60 -1.91 8.63
O3 MAN B . 14.44 -0.11 10.43
O4 MAN B . 12.14 0.56 8.89
O5 MAN B . 13.07 -2.70 7.50
O6 MAN B . 10.91 -2.08 5.81
H1 MAN B . 14.32 -4.11 8.29
H2 MAN B . 14.85 -2.78 10.35
H3 MAN B . 12.85 -1.41 10.46
H4 MAN B . 13.79 -0.12 7.87
H5 MAN B . 11.40 -1.93 8.42
H61 MAN B . 12.45 -0.73 5.82
H62 MAN B . 10.97 -0.22 6.67
HO2 MAN B . 15.29 -1.55 7.79
HO3 MAN B . 14.84 -0.50 11.21
HO4 MAN B . 12.65 1.24 9.37
HO6 MAN B . 10.56 -1.73 4.98
C1 MAN B . 10.34 -7.91 12.06
C2 MAN B . 9.94 -8.54 13.39
C3 MAN B . 8.50 -9.07 13.32
C4 MAN B . 7.56 -7.96 12.87
C5 MAN B . 8.05 -7.34 11.55
C6 MAN B . 7.18 -6.16 11.09
O2 MAN B . 10.05 -7.59 14.43
O3 MAN B . 8.10 -9.57 14.58
O4 MAN B . 6.26 -8.50 12.72
O5 MAN B . 9.40 -6.88 11.71
O6 MAN B . 5.89 -6.59 10.71
H1 MAN B . 11.33 -7.45 12.19
H2 MAN B . 10.61 -9.39 13.60
H3 MAN B . 8.47 -9.88 12.58
H4 MAN B . 7.54 -7.18 13.64
H5 MAN B . 8.04 -8.11 10.76
H61 MAN B . 7.65 -5.70 10.21
H62 MAN B . 7.11 -5.42 11.89
HO2 MAN B . 10.97 -7.27 14.45
HO3 MAN B . 7.20 -9.91 14.51
HO4 MAN B . 5.96 -8.88 13.56
HO6 MAN B . 5.38 -5.82 10.43
N CYS A 1 4.48 -14.95 0.70
CA CYS A 1 4.45 -14.56 -0.71
C CYS A 1 4.74 -15.75 -1.63
N SER A 2 3.80 -16.70 -1.69
CA SER A 2 3.81 -17.75 -2.70
C SER A 2 3.53 -17.11 -4.06
N ASN A 3 4.21 -17.60 -5.10
CA ASN A 3 4.28 -17.02 -6.43
C ASN A 3 4.67 -15.53 -6.40
N LEU A 4 4.51 -14.83 -7.54
CA LEU A 4 4.82 -13.42 -7.66
C LEU A 4 3.89 -12.78 -8.69
N SER A 5 2.58 -12.94 -8.46
CA SER A 5 1.53 -12.45 -9.33
C SER A 5 0.38 -11.89 -8.47
N THR A 6 -0.28 -12.77 -7.70
CA THR A 6 -1.32 -12.36 -6.76
C THR A 6 -0.69 -11.73 -5.52
N CYS A 7 0.48 -12.22 -5.09
CA CYS A 7 1.28 -11.58 -4.05
C CYS A 7 1.62 -10.15 -4.46
N VAL A 8 2.17 -9.98 -5.67
CA VAL A 8 2.57 -8.68 -6.21
C VAL A 8 1.36 -7.74 -6.31
N LEU A 9 0.24 -8.22 -6.87
CA LEU A 9 -1.00 -7.48 -6.99
C LEU A 9 -1.45 -6.99 -5.60
N GLY A 10 -1.37 -7.86 -4.59
CA GLY A 10 -1.69 -7.53 -3.21
C GLY A 10 -0.76 -6.47 -2.63
N LYS A 11 0.53 -6.52 -2.98
CA LYS A 11 1.57 -5.70 -2.37
C LYS A 11 1.32 -4.21 -2.64
N LEU A 12 1.39 -3.77 -3.90
CA LEU A 12 1.18 -2.37 -4.24
C LEU A 12 -0.27 -1.92 -4.01
N SER A 13 -1.26 -2.82 -4.09
CA SER A 13 -2.63 -2.52 -3.74
C SER A 13 -2.74 -2.11 -2.26
N GLN A 14 -2.05 -2.85 -1.38
CA GLN A 14 -2.01 -2.54 0.05
C GLN A 14 -1.36 -1.18 0.29
N GLU A 15 -0.21 -0.91 -0.34
CA GLU A 15 0.49 0.36 -0.21
C GLU A 15 -0.43 1.53 -0.56
N LEU A 16 -1.07 1.47 -1.74
CA LEU A 16 -2.02 2.47 -2.21
C LEU A 16 -3.18 2.64 -1.24
N HIS A 17 -3.71 1.54 -0.68
CA HIS A 17 -4.80 1.56 0.27
C HIS A 17 -4.41 2.22 1.60
N LYS A 18 -3.15 2.07 2.03
CA LYS A 18 -2.65 2.64 3.27
C LYS A 18 -2.43 4.15 3.09
N LEU A 19 -1.60 4.56 2.13
CA LEU A 19 -1.25 5.96 1.91
C LEU A 19 -2.46 6.78 1.47
N GLN A 20 -3.27 6.23 0.54
CA GLN A 20 -4.56 6.72 0.08
C GLN A 20 -4.76 8.23 0.20
N THR A 21 -3.90 9.00 -0.49
CA THR A 21 -3.94 10.45 -0.60
C THR A 21 -3.98 11.12 0.79
N TYR A 22 -3.09 10.70 1.70
CA TYR A 22 -2.90 11.30 3.02
C TYR A 22 -1.56 12.06 3.12
N PRO A 23 -0.42 11.52 2.65
CA PRO A 23 0.84 12.27 2.61
C PRO A 23 0.67 13.57 1.81
N ARG A 24 0.15 13.44 0.59
CA ARG A 24 -0.32 14.54 -0.23
C ARG A 24 -1.84 14.58 -0.08
N THR A 25 -2.36 15.64 0.56
CA THR A 25 -3.79 15.82 0.79
C THR A 25 -4.44 16.48 -0.44
N ASP A 26 -4.32 15.82 -1.60
CA ASP A 26 -4.87 16.30 -2.85
C ASP A 26 -6.39 16.09 -2.87
N VAL A 27 -7.10 17.01 -3.55
CA VAL A 27 -8.54 16.92 -3.77
C VAL A 27 -8.85 17.47 -5.17
N GLY A 28 -8.20 16.85 -6.18
CA GLY A 28 -8.44 17.16 -7.59
C GLY A 28 -9.75 16.51 -8.03
N ALA A 29 -10.88 17.17 -7.69
CA ALA A 29 -12.22 16.63 -7.78
C ALA A 29 -12.34 15.32 -6.98
N GLY A 30 -11.78 15.32 -5.77
CA GLY A 30 -11.78 14.16 -4.88
C GLY A 30 -13.07 14.11 -4.07
N THR A 31 -14.20 13.91 -4.77
CA THR A 31 -15.53 13.82 -4.17
C THR A 31 -15.61 12.67 -3.16
N PRO A 32 -15.34 11.39 -3.53
CA PRO A 32 -15.26 10.30 -2.57
C PRO A 32 -14.06 10.48 -1.63
N NH2 A 33 -12.91 10.90 -2.15
HN1 NH2 A 33 -12.10 11.02 -1.56
HN2 NH2 A 33 -12.85 11.09 -3.14
C1 NAG B . -0.31 -16.92 -5.48
C2 NAG B . -1.50 -17.42 -6.30
C3 NAG B . -2.84 -17.10 -5.62
C4 NAG B . -2.84 -17.55 -4.17
C5 NAG B . -1.62 -16.95 -3.46
C6 NAG B . -1.56 -17.31 -1.97
C7 NAG B . -0.98 -17.41 -8.71
C8 NAG B . -1.13 -16.67 -10.03
N2 NAG B . -1.49 -16.82 -7.63
O3 NAG B . -3.90 -17.71 -6.32
O4 NAG B . -4.05 -17.13 -3.52
O5 NAG B . -0.43 -17.37 -4.12
O6 NAG B . -1.49 -18.71 -1.80
O7 NAG B . -0.41 -18.50 -8.68
H1 NAG B . -0.29 -15.83 -5.45
H2 NAG B . -1.44 -18.51 -6.38
H3 NAG B . -2.98 -16.01 -5.64
H4 NAG B . -2.75 -18.64 -4.14
H5 NAG B . -1.68 -15.85 -3.54
H61 NAG B . -2.44 -16.92 -1.47
H62 NAG B . -0.67 -16.85 -1.53
H81 NAG B . -1.34 -15.61 -9.85
H82 NAG B . -0.21 -16.76 -10.62
H83 NAG B . -1.95 -17.11 -10.60
HN2 NAG B . -1.94 -15.92 -7.73
HO3 NAG B . -3.90 -17.41 -7.25
HO6 NAG B . -1.45 -18.91 -0.86
C1 NAG B . -4.91 -18.12 -3.05
C2 NAG B . -6.05 -17.51 -2.23
C3 NAG B . -7.09 -18.57 -1.84
C4 NAG B . -7.55 -19.33 -3.09
C5 NAG B . -6.33 -19.88 -3.86
C6 NAG B . -6.75 -20.60 -5.14
C7 NAG B . -4.85 -17.36 -0.07
C8 NAG B . -4.43 -16.42 1.06
N2 NAG B . -5.55 -16.81 -1.07
O3 NAG B . -8.19 -17.95 -1.22
O4 NAG B . -8.41 -20.44 -2.73
O5 NAG B . -5.45 -18.79 -4.19
O6 NAG B . -5.61 -21.05 -5.84
O7 NAG B . -4.55 -18.55 -0.02
H1 NAG B . -4.37 -18.87 -2.46
H2 NAG B . -6.56 -16.78 -2.88
H3 NAG B . -6.63 -19.29 -1.15
H4 NAG B . -8.07 -18.63 -3.75
H5 NAG B . -5.78 -20.57 -3.22
H61 NAG B . -7.32 -19.92 -5.78
H62 NAG B . -7.37 -21.45 -4.89
H81 NAG B . -3.81 -15.62 0.65
H82 NAG B . -5.32 -15.98 1.52
H83 NAG B . -3.87 -16.97 1.81
HN2 NAG B . -5.74 -15.82 -1.02
HO3 NAG B . -7.88 -17.48 -0.42
HO6 NAG B . -5.90 -21.50 -6.64
C1 MAN B . -9.74 -20.22 -2.37
C2 MAN B . -10.48 -19.36 -3.38
C3 MAN B . -11.95 -19.25 -2.99
C4 MAN B . -12.57 -20.63 -2.82
C5 MAN B . -11.73 -21.48 -1.85
C6 MAN B . -12.23 -22.92 -1.72
O2 MAN B . -10.35 -19.89 -4.68
O3 MAN B . -12.69 -18.51 -3.99
O4 MAN B . -13.89 -20.50 -2.33
O5 MAN B . -10.36 -21.51 -2.32
O6 MAN B . -11.81 -23.56 -0.50
H1 MAN B . -9.80 -19.79 -1.36
H2 MAN B . -10.06 -18.34 -3.35
H3 MAN B . -12.01 -18.74 -2.03
H4 MAN B . -12.58 -21.14 -3.80
H5 MAN B . -11.74 -21.01 -0.86
H61 MAN B . -11.92 -23.50 -2.59
H62 MAN B . -13.32 -22.91 -1.72
HO2 MAN B . -10.71 -20.79 -4.70
HO4 MAN B . -14.33 -21.36 -2.34
C1 MAN B . -12.97 -17.16 -3.67
C2 MAN B . -13.95 -16.58 -4.71
C3 MAN B . -13.27 -16.50 -6.07
C4 MAN B . -11.98 -15.67 -5.97
C5 MAN B . -11.07 -16.25 -4.87
C6 MAN B . -9.82 -15.40 -4.66
O2 MAN B . -14.40 -15.26 -4.31
O3 MAN B . -14.15 -15.92 -7.02
O4 MAN B . -11.31 -15.68 -7.21
O5 MAN B . -11.80 -16.34 -3.64
O6 MAN B . -9.01 -15.96 -3.65
H1 MAN B . -13.44 -17.12 -2.69
H2 MAN B . -14.81 -17.26 -4.81
H3 MAN B . -13.00 -17.51 -6.39
H4 MAN B . -12.25 -14.64 -5.70
H5 MAN B . -10.77 -17.25 -5.16
H61 MAN B . -10.11 -14.39 -4.37
H62 MAN B . -9.25 -15.36 -5.59
HO3 MAN B . -14.96 -16.45 -7.06
HO4 MAN B . -11.08 -16.58 -7.45
HO6 MAN B . -8.23 -15.41 -3.54
C1 MAN B . -15.08 -15.09 -3.09
C2 MAN B . -16.27 -16.04 -2.93
C3 MAN B . -17.32 -15.73 -3.99
C4 MAN B . -17.75 -14.26 -3.89
C5 MAN B . -16.52 -13.34 -3.94
C6 MAN B . -16.88 -11.87 -3.72
O2 MAN B . -16.81 -15.92 -1.64
O3 MAN B . -18.45 -16.57 -3.82
O4 MAN B . -18.63 -13.96 -4.94
O5 MAN B . -15.55 -13.75 -2.95
O6 MAN B . -15.72 -11.07 -3.77
H1 MAN B . -14.38 -15.22 -2.25
H2 MAN B . -15.93 -17.08 -3.06
H3 MAN B . -16.89 -15.90 -4.97
H4 MAN B . -18.25 -14.11 -2.93
H5 MAN B . -16.04 -13.44 -4.93
H61 MAN B . -17.36 -11.76 -2.75
H62 MAN B . -17.56 -11.55 -4.51
HO2 MAN B . -16.13 -16.11 -0.97
HO3 MAN B . -18.16 -17.49 -3.88
HO4 MAN B . -18.95 -13.04 -4.84
HO6 MAN B . -15.30 -11.18 -4.63
C1 MAN B . -10.43 -23.62 -0.32
C2 MAN B . -9.69 -24.45 -1.39
C3 MAN B . -10.16 -25.90 -1.35
C4 MAN B . -9.97 -26.46 0.07
C5 MAN B . -10.66 -25.56 1.10
C6 MAN B . -10.40 -26.04 2.53
O2 MAN B . -8.30 -24.37 -1.17
O3 MAN B . -9.42 -26.72 -2.28
O4 MAN B . -10.50 -27.76 0.13
O5 MAN B . -10.18 -24.20 0.97
O6 MAN B . -11.05 -25.13 3.43
H1 MAN B . -9.99 -22.61 -0.28
H2 MAN B . -9.90 -24.03 -2.38
H3 MAN B . -11.23 -25.93 -1.58
H4 MAN B . -8.89 -26.49 0.29
H5 MAN B . -11.74 -25.56 0.91
H61 MAN B . -9.32 -26.03 2.71
H62 MAN B . -10.81 -27.03 2.64
HO2 MAN B . -8.01 -23.44 -1.22
HO4 MAN B . -11.45 -27.74 -0.08
C1 MAN B . -9.43 -26.36 -3.66
C2 MAN B . -10.85 -26.25 -4.22
C3 MAN B . -11.52 -27.63 -4.20
C4 MAN B . -10.67 -28.64 -4.96
C5 MAN B . -9.22 -28.64 -4.43
C6 MAN B . -8.30 -29.57 -5.22
O2 MAN B . -10.80 -25.75 -5.55
O3 MAN B . -12.81 -27.54 -4.76
O4 MAN B . -11.24 -29.93 -4.85
O5 MAN B . -8.70 -27.32 -4.44
O6 MAN B . -8.20 -29.16 -6.57
H1 MAN B . -8.90 -25.41 -3.81
H2 MAN B . -11.44 -25.55 -3.62
H3 MAN B . -11.60 -27.95 -3.16
H4 MAN B . -10.65 -28.35 -6.02
H5 MAN B . -9.25 -28.99 -3.39
H61 MAN B . -8.70 -30.59 -5.18
H62 MAN B . -7.31 -29.55 -4.77
HO2 MAN B . -10.37 -24.89 -5.55
HO3 MAN B . -13.34 -26.90 -4.27
HO4 MAN B . -12.15 -29.90 -5.19
HO6 MAN B . -9.06 -29.22 -6.97
C1 MAN B . -10.81 -25.50 4.76
C2 MAN B . -11.87 -24.89 5.69
C3 MAN B . -11.79 -23.37 5.67
C4 MAN B . -10.37 -22.90 5.99
C5 MAN B . -9.36 -23.58 5.05
C6 MAN B . -7.92 -23.21 5.38
O2 MAN B . -11.68 -25.37 7.00
O3 MAN B . -12.71 -22.82 6.59
O4 MAN B . -10.29 -21.50 5.85
O5 MAN B . -9.50 -25.01 5.13
O6 MAN B . -7.03 -23.84 4.50
H1 MAN B . -10.81 -26.58 4.88
H2 MAN B . -12.86 -25.21 5.33
H3 MAN B . -12.05 -23.03 4.65
H4 MAN B . -10.14 -23.19 7.02
H5 MAN B . -9.56 -23.28 4.02
H61 MAN B . -7.70 -23.51 6.41
H62 MAN B . -7.80 -22.13 5.30
HO2 MAN B . -11.72 -26.34 7.00
HO3 MAN B . -13.61 -23.13 6.37
HO4 MAN B . -10.94 -21.09 6.45
HO6 MAN B . -6.13 -23.59 4.73
N CYS A 1 2.42 -15.57 0.14
CA CYS A 1 3.04 -14.84 -0.98
C CYS A 1 3.35 -15.79 -2.14
N SER A 2 4.41 -16.59 -2.00
CA SER A 2 4.86 -17.58 -2.98
C SER A 2 5.12 -16.93 -4.34
N ASN A 3 4.20 -17.13 -5.30
CA ASN A 3 4.28 -16.54 -6.63
C ASN A 3 4.15 -15.02 -6.58
N LEU A 4 4.93 -14.33 -7.43
CA LEU A 4 4.90 -12.89 -7.58
C LEU A 4 3.82 -12.48 -8.59
N SER A 5 2.57 -12.86 -8.29
CA SER A 5 1.39 -12.52 -9.07
C SER A 5 0.28 -12.15 -8.08
N THR A 6 -0.13 -13.09 -7.23
CA THR A 6 -1.02 -12.81 -6.11
C THR A 6 -0.33 -11.85 -5.13
N CYS A 7 0.95 -12.12 -4.85
CA CYS A 7 1.73 -11.39 -3.87
C CYS A 7 2.02 -9.96 -4.31
N VAL A 8 2.43 -9.76 -5.56
CA VAL A 8 2.78 -8.44 -6.09
C VAL A 8 1.54 -7.54 -6.16
N LEU A 9 0.42 -8.07 -6.68
CA LEU A 9 -0.85 -7.35 -6.73
C LEU A 9 -1.34 -7.01 -5.32
N GLY A 10 -1.23 -7.97 -4.39
CA GLY A 10 -1.59 -7.78 -2.99
C GLY A 10 -0.77 -6.65 -2.35
N LYS A 11 0.55 -6.64 -2.60
CA LYS A 11 1.48 -5.67 -2.04
C LYS A 11 1.13 -4.25 -2.49
N LEU A 12 1.06 -4.02 -3.81
CA LEU A 12 0.82 -2.69 -4.35
C LEU A 12 -0.59 -2.19 -4.01
N SER A 13 -1.59 -3.10 -3.96
CA SER A 13 -2.94 -2.76 -3.57
C SER A 13 -2.98 -2.24 -2.13
N GLN A 14 -2.37 -3.01 -1.21
CA GLN A 14 -2.25 -2.66 0.20
C GLN A 14 -1.53 -1.32 0.36
N GLU A 15 -0.39 -1.14 -0.32
CA GLU A 15 0.45 0.04 -0.23
C GLU A 15 -0.32 1.29 -0.65
N LEU A 16 -0.91 1.27 -1.85
CA LEU A 16 -1.69 2.37 -2.40
C LEU A 16 -2.91 2.69 -1.51
N HIS A 17 -3.57 1.66 -0.97
CA HIS A 17 -4.70 1.83 -0.06
C HIS A 17 -4.27 2.46 1.28
N LYS A 18 -3.06 2.14 1.76
CA LYS A 18 -2.53 2.65 3.01
C LYS A 18 -2.26 4.16 2.90
N LEU A 19 -1.40 4.56 1.94
CA LEU A 19 -1.04 5.96 1.75
C LEU A 19 -2.23 6.77 1.26
N GLN A 20 -2.89 6.30 0.18
CA GLN A 20 -4.11 6.85 -0.42
C GLN A 20 -3.99 8.33 -0.76
N THR A 21 -4.29 9.21 0.20
CA THR A 21 -4.16 10.66 0.07
C THR A 21 -2.69 11.08 -0.12
N TYR A 22 -1.75 10.23 0.33
CA TYR A 22 -0.30 10.45 0.28
C TYR A 22 0.10 11.66 1.13
N PRO A 23 0.38 11.45 2.43
CA PRO A 23 1.08 12.42 3.26
C PRO A 23 2.44 12.76 2.62
N ARG A 24 2.68 14.04 2.33
CA ARG A 24 3.88 14.48 1.63
C ARG A 24 5.13 14.24 2.49
N THR A 25 6.22 13.81 1.85
CA THR A 25 7.49 13.52 2.50
C THR A 25 8.36 14.77 2.46
N ASP A 26 8.09 15.71 3.38
CA ASP A 26 8.87 16.94 3.53
C ASP A 26 10.29 16.62 4.00
N VAL A 27 11.26 17.39 3.50
CA VAL A 27 12.66 17.24 3.85
C VAL A 27 12.88 17.74 5.28
N GLY A 28 12.62 19.03 5.53
CA GLY A 28 12.82 19.66 6.83
C GLY A 28 14.31 19.74 7.13
N ALA A 29 14.77 18.92 8.09
CA ALA A 29 16.17 18.77 8.46
C ALA A 29 16.80 20.08 8.96
N GLY A 30 18.13 20.08 9.15
CA GLY A 30 18.88 21.27 9.51
C GLY A 30 18.82 22.29 8.37
N THR A 31 19.38 21.93 7.22
CA THR A 31 19.25 22.68 5.98
C THR A 31 17.84 22.43 5.43
N PRO A 32 17.02 23.48 5.20
CA PRO A 32 15.66 23.36 4.68
C PRO A 32 15.55 22.43 3.46
N NH2 A 33 14.71 21.40 3.57
HN1 NH2 A 33 14.20 21.23 4.42
HN2 NH2 A 33 14.61 20.75 2.79
C1 NAG B . 0.07 -17.91 -5.46
C2 NAG B . -0.58 -19.30 -5.47
C3 NAG B . -1.85 -19.32 -4.61
C4 NAG B . -1.49 -18.84 -3.20
C5 NAG B . -0.85 -17.44 -3.26
C6 NAG B . -0.43 -16.89 -1.89
C7 NAG B . -1.66 -19.15 -7.71
C8 NAG B . -1.77 -19.80 -9.08
N2 NAG B . -0.85 -19.75 -6.83
O3 NAG B . -2.39 -20.62 -4.56
O4 NAG B . -2.63 -18.88 -2.31
O5 NAG B . 0.31 -17.50 -4.10
O6 NAG B . -1.55 -16.61 -1.08
O7 NAG B . -2.30 -18.12 -7.46
H1 NAG B . -0.61 -17.19 -5.91
H2 NAG B . 0.13 -20.00 -5.02
H3 NAG B . -2.58 -18.62 -5.04
H4 NAG B . -0.73 -19.52 -2.80
H5 NAG B . -1.55 -16.74 -3.73
H61 NAG B . 0.12 -15.97 -2.05
H62 NAG B . 0.21 -17.61 -1.40
H81 NAG B . -0.79 -19.82 -9.55
H82 NAG B . -2.15 -20.82 -8.98
H83 NAG B . -2.45 -19.23 -9.71
HN2 NAG B . -0.37 -20.58 -7.13
HO3 NAG B . -1.74 -21.22 -4.16
HO6 NAG B . -1.24 -16.26 -0.25
C1 NAG B . -3.90 -18.45 -2.72
C2 NAG B . -4.93 -18.82 -1.64
C3 NAG B . -6.31 -18.26 -2.00
C4 NAG B . -6.19 -16.76 -2.24
C5 NAG B . -5.13 -16.48 -3.30
C6 NAG B . -4.95 -14.98 -3.58
C7 NAG B . -5.27 -21.18 -2.36
C8 NAG B . -5.24 -22.64 -1.90
N2 NAG B . -4.98 -20.27 -1.43
O3 NAG B . -7.23 -18.52 -0.97
O4 NAG B . -7.47 -16.23 -2.64
O5 NAG B . -3.87 -17.03 -2.89
O6 NAG B . -4.48 -14.31 -2.43
O7 NAG B . -5.56 -20.91 -3.53
H1 NAG B . -4.18 -18.90 -3.68
H2 NAG B . -4.62 -18.35 -0.71
H3 NAG B . -6.66 -18.73 -2.94
H4 NAG B . -5.87 -16.30 -1.30
H5 NAG B . -5.41 -16.98 -4.24
H61 NAG B . -5.90 -14.56 -3.89
H62 NAG B . -4.23 -14.85 -4.39
H81 NAG B . -4.25 -22.88 -1.54
H82 NAG B . -5.97 -22.77 -1.10
H83 NAG B . -5.50 -23.30 -2.74
HN2 NAG B . -4.76 -20.59 -0.50
HO3 NAG B . -6.94 -18.07 -0.15
HO6 NAG B . -5.13 -14.40 -1.73
C1 MAN B . -8.03 -15.22 -1.86
C2 MAN B . -9.30 -14.70 -2.50
C3 MAN B . -9.90 -13.60 -1.62
C4 MAN B . -10.02 -14.08 -0.16
C5 MAN B . -8.79 -14.83 0.37
C6 MAN B . -9.15 -15.56 1.68
O2 MAN B . -10.23 -15.74 -2.69
O3 MAN B . -11.21 -13.24 -2.08
O4 MAN B . -10.32 -12.96 0.65
O5 MAN B . -8.33 -15.79 -0.58
O6 MAN B . -9.71 -14.62 2.59
H1 MAN B . -7.31 -14.41 -1.71
H2 MAN B . -9.06 -14.24 -3.47
H3 MAN B . -9.22 -12.74 -1.64
H4 MAN B . -10.87 -14.78 -0.13
H5 MAN B . -7.98 -14.10 0.56
H61 MAN B . -8.26 -16.02 2.11
H62 MAN B . -9.87 -16.33 1.42
HO2 MAN B . -10.43 -16.14 -1.83
HO4 MAN B . -9.57 -12.34 0.61
C1 MAN B . -11.58 -11.88 -1.94
C2 MAN B . -13.09 -11.79 -1.70
C3 MAN B . -13.86 -12.25 -2.93
C4 MAN B . -13.41 -11.43 -4.15
C5 MAN B . -11.89 -11.51 -4.32
C6 MAN B . -11.38 -10.64 -5.47
O2 MAN B . -13.44 -10.44 -1.34
O3 MAN B . -15.25 -12.11 -2.73
O4 MAN B . -14.06 -11.91 -5.31
O5 MAN B . -11.24 -11.11 -3.10
O6 MAN B . -9.99 -10.76 -5.59
H1 MAN B . -11.08 -11.43 -1.08
H2 MAN B . -13.34 -12.48 -0.87
H3 MAN B . -13.63 -13.30 -3.12
H4 MAN B . -13.70 -10.38 -3.98
H5 MAN B . -11.61 -12.56 -4.51
H61 MAN B . -11.66 -9.60 -5.28
H62 MAN B . -11.85 -10.97 -6.39
HO3 MAN B . -15.72 -12.40 -3.52
HO4 MAN B . -15.02 -11.85 -5.18
HO6 MAN B . -9.70 -10.20 -6.32
C1 MAN B . -13.69 -10.19 0.04
C2 MAN B . -15.05 -10.75 0.47
C3 MAN B . -16.17 -9.99 -0.22
C4 MAN B . -16.05 -8.49 0.05
C5 MAN B . -14.65 -7.99 -0.34
C6 MAN B . -14.43 -6.51 -0.02
O2 MAN B . -15.18 -10.65 1.87
O3 MAN B . -17.43 -10.46 0.23
O4 MAN B . -17.04 -7.78 -0.66
O5 MAN B . -13.64 -8.78 0.32
O6 MAN B . -13.13 -6.11 -0.40
H1 MAN B . -12.90 -10.64 0.65
H2 MAN B . -15.11 -11.81 0.18
H3 MAN B . -16.10 -10.14 -1.31
H4 MAN B . -16.18 -8.31 1.14
H5 MAN B . -14.52 -8.14 -1.42
H61 MAN B . -14.56 -6.36 1.05
H62 MAN B . -15.16 -5.92 -0.56
HO2 MAN B . -16.05 -10.99 2.14
HO3 MAN B . -18.14 -9.96 -0.21
HO4 MAN B . -16.99 -6.84 -0.43
HO6 MAN B . -13.03 -6.26 -1.34
C1 MAN B . -10.33 -15.21 3.70
C2 MAN B . -11.70 -15.79 3.33
C3 MAN B . -12.54 -14.66 2.73
C4 MAN B . -12.69 -13.54 3.73
C5 MAN B . -11.30 -13.06 4.19
C6 MAN B . -11.38 -11.95 5.24
O2 MAN B . -12.33 -16.34 4.47
O3 MAN B . -13.84 -15.13 2.29
O4 MAN B . -13.42 -12.48 3.15
O5 MAN B . -10.53 -14.18 4.68
O6 MAN B . -11.91 -10.79 4.61
H1 MAN B . -9.71 -15.99 4.14
H2 MAN B . -11.59 -16.58 2.57
H3 MAN B . -12.00 -14.26 1.87
H4 MAN B . -13.24 -13.92 4.61
H5 MAN B . -10.78 -12.64 3.32
H61 MAN B . -10.38 -11.75 5.63
H62 MAN B . -12.04 -12.28 6.05
HO2 MAN B . -11.78 -17.04 4.83
HO4 MAN B . -14.28 -12.81 2.84
C1 MAN B . -14.12 -14.81 0.94
C2 MAN B . -15.58 -15.05 0.61
C3 MAN B . -15.88 -16.55 0.64
C4 MAN B . -14.93 -17.31 -0.28
C5 MAN B . -13.48 -16.96 0.07
C6 MAN B . -12.45 -17.62 -0.86
O2 MAN B . -15.89 -14.51 -0.66
O3 MAN B . -17.23 -16.79 0.25
O4 MAN B . -15.16 -18.70 -0.15
O5 MAN B . -13.30 -15.55 0.02
O6 MAN B . -12.46 -19.02 -0.74
H1 MAN B . -13.90 -13.74 0.78
H2 MAN B . -16.20 -14.55 1.38
H3 MAN B . -15.73 -16.91 1.67
H4 MAN B . -15.12 -17.00 -1.32
H5 MAN B . -13.27 -17.29 1.10
H61 MAN B . -11.45 -17.25 -0.59
H62 MAN B . -12.66 -17.33 -1.89
HO2 MAN B . -15.67 -13.56 -0.66
HO3 MAN B . -17.40 -17.74 0.29
HO4 MAN B . -16.09 -18.89 -0.39
HO6 MAN B . -12.26 -19.25 0.17
C1 MAN B . -12.04 -9.72 5.49
C2 MAN B . -13.35 -8.98 5.21
C3 MAN B . -13.33 -8.41 3.79
C4 MAN B . -12.09 -7.54 3.59
C5 MAN B . -10.80 -8.30 3.97
C6 MAN B . -9.56 -7.43 3.87
O2 MAN B . -13.52 -7.93 6.16
O3 MAN B . -14.50 -7.67 3.54
O4 MAN B . -12.02 -7.10 2.25
O5 MAN B . -10.92 -8.83 5.30
O6 MAN B . -8.42 -8.17 4.22
H1 MAN B . -12.03 -10.05 6.54
H2 MAN B . -14.18 -9.68 5.29
H3 MAN B . -13.26 -9.25 3.09
H4 MAN B . -12.17 -6.66 4.25
H5 MAN B . -10.69 -9.15 3.28
H61 MAN B . -9.67 -6.58 4.55
H62 MAN B . -9.44 -7.07 2.85
HO2 MAN B . -12.76 -7.32 6.09
HO3 MAN B . -14.55 -6.93 4.16
HO4 MAN B . -11.27 -6.49 2.14
HO6 MAN B . -7.65 -7.60 4.17
#